data_8JJ5
#
_entry.id   8JJ5
#
_cell.length_a   1.00
_cell.length_b   1.00
_cell.length_c   1.00
_cell.angle_alpha   90.00
_cell.angle_beta   90.00
_cell.angle_gamma   90.00
#
_symmetry.space_group_name_H-M   'P 1'
#
loop_
_entity.id
_entity.type
_entity.pdbx_description
1 polymer Tetraspanin
2 polymer 'Uroplakin 2'
3 polymer 'Uroplakin 3A'
4 polymer UPK1B
5 branched 2-acetamido-2-deoxy-beta-D-glucopyranose-(1-4)-2-acetamido-2-deoxy-beta-D-glucopyranose
6 branched beta-D-mannopyranose-(1-4)-2-acetamido-2-deoxy-beta-D-glucopyranose-(1-4)-2-acetamido-2-deoxy-beta-D-glucopyranose
7 branched alpha-D-mannopyranose-(1-3)-[alpha-D-mannopyranose-(1-6)]beta-D-mannopyranose-(1-4)-2-acetamido-2-deoxy-beta-D-glucopyranose-(1-4)-2-acetamido-2-deoxy-beta-D-glucopyranose
8 non-polymer 2-acetamido-2-deoxy-beta-D-glucopyranose
#
loop_
_entity_poly.entity_id
_entity_poly.type
_entity_poly.pdbx_seq_one_letter_code
_entity_poly.pdbx_strand_id
1 'polypeptide(L)'
;MASAAAEGEKGSPVVVGLLVVGNIIILLSGLALFAETIWVTADQYRVYPLMGVSGKDDVFAGAWIAIFCGFSFFVVASFG
VGAALCRRRSMILTYLVLMLIVYIFECASCITSYTHRDYMVSNPSLITKQMLTFYSADSDQGRELTRLWDRVMIEQECCG
TSGPMDWVNFTSAFRASTPEVVFPWPPLCCRRTGNFIPVNEEGCRLGHLDYLFTKGCFEHIGHAIDSYTWGISWFGFAIL
MWTLPVMLIAMYFYTTL
;
A
2 'polypeptide(L)'
;MASPLPVRTLPLILILLAVLAPGASDFNISSLSGPLSPALTESLLVALPPCHLTGGNATLMVRRANDSKVVKSSFMVPPC
RGRRELVSVVDSGSGFTVTRLSAYQVTNLVPGTKYYISYLVTKGASTESSREIPMSTLPRRKAEAIGLGMAPTGGMVVIQ
VLLSVAMFLLVVGFITALALGARK
;
B
3 'polypeptide(L)'
;MPLLWALLALGCLQLGSGVNLQPQLASVTFATNNPTLTTVALEKPLCMFDSSAALHGTYEVYLYVLVDSASSRNASVQDS
TKTPLSSTPQETEGGRTGPYKAAAFDLAPCSDLPSLDAVRDVSQASEILNAYLVRVGINGTCLSDPNFRGLCNPPLSAAT
EYRFKYVLVNISTGLVQDQTLWSDPVCTNQLTPYSAIDTWPGRRSGGMIVITSILGSLPFFLLVGFAGAIVLSLMDMGGA
DGEMTHDSQITQEAVPKGTSEPSYTSVNRGPPLDRAEVYASKLQD
;
C
4 'polypeptide(L)'
;MAKDDSTVRCFQSLLVFGNVIIGMCGIALTAECIFFVSDQYSLYPLLEATDNDDIYGAAWIGIFVGICLFCLSVLGIVGI
MKSNRKILLVYFILMFIVYGFEVASCITAATQRDFFTPNLFLKQMLERYQNNSPPSNDDKWKNNGVTKTWDRLMLQDYCC
GVNGPSDWQKYTSAFRTENNDADYPWPRQCCVMNKLKEPLNLEACKLGVPGYYHNQGCYELISGPMNRHAWGVAWFGFAI
LCWTFWVLLGTMFYWSRIEY
;
D
#
loop_
_chem_comp.id
_chem_comp.type
_chem_comp.name
_chem_comp.formula
BMA D-saccharide, beta linking beta-D-mannopyranose 'C6 H12 O6'
MAN D-saccharide, alpha linking alpha-D-mannopyranose 'C6 H12 O6'
NAG D-saccharide, beta linking 2-acetamido-2-deoxy-beta-D-glucopyranose 'C8 H15 N O6'
#
# COMPACT_ATOMS: atom_id res chain seq x y z
N LYS A 10 -31.52 -43.55 -36.26
CA LYS A 10 -31.16 -43.87 -34.89
C LYS A 10 -29.89 -43.11 -34.42
N GLY A 11 -29.35 -42.21 -35.24
CA GLY A 11 -28.27 -41.29 -34.87
C GLY A 11 -26.89 -41.93 -34.94
N SER A 12 -26.08 -41.48 -35.88
CA SER A 12 -24.74 -42.02 -36.16
C SER A 12 -23.76 -41.82 -35.01
N PRO A 13 -22.89 -42.79 -34.71
CA PRO A 13 -21.81 -42.58 -33.75
C PRO A 13 -20.91 -41.40 -34.15
N VAL A 14 -20.79 -41.11 -35.44
CA VAL A 14 -20.01 -39.96 -35.94
C VAL A 14 -20.56 -38.62 -35.41
N VAL A 15 -21.87 -38.54 -35.19
CA VAL A 15 -22.45 -37.37 -34.53
C VAL A 15 -22.42 -37.50 -33.00
N VAL A 16 -22.51 -38.71 -32.44
CA VAL A 16 -22.34 -38.91 -30.97
C VAL A 16 -21.00 -38.35 -30.54
N GLY A 17 -19.95 -38.73 -31.25
CA GLY A 17 -18.60 -38.24 -31.00
C GLY A 17 -18.52 -36.72 -31.11
N LEU A 18 -19.23 -36.11 -32.06
CA LEU A 18 -19.25 -34.65 -32.18
C LEU A 18 -19.82 -34.02 -30.89
N LEU A 19 -20.97 -34.49 -30.39
CA LEU A 19 -21.49 -33.99 -29.12
C LEU A 19 -20.52 -34.26 -27.97
N VAL A 20 -19.85 -35.40 -27.94
CA VAL A 20 -18.88 -35.68 -26.86
C VAL A 20 -17.76 -34.64 -26.88
N VAL A 21 -17.03 -34.51 -28.00
CA VAL A 21 -15.88 -33.59 -28.05
C VAL A 21 -16.33 -32.17 -27.82
N GLY A 22 -17.47 -31.78 -28.39
CA GLY A 22 -18.00 -30.44 -28.28
C GLY A 22 -18.39 -30.09 -26.84
N ASN A 23 -19.06 -31.01 -26.15
CA ASN A 23 -19.32 -30.83 -24.73
C ASN A 23 -18.02 -30.79 -23.94
N ILE A 24 -17.06 -31.68 -24.20
CA ILE A 24 -15.77 -31.67 -23.48
C ILE A 24 -15.08 -30.32 -23.60
N ILE A 25 -15.11 -29.74 -24.79
CA ILE A 25 -14.52 -28.43 -25.06
C ILE A 25 -15.27 -27.33 -24.31
N ILE A 26 -16.61 -27.38 -24.31
CA ILE A 26 -17.44 -26.45 -23.55
C ILE A 26 -17.17 -26.59 -22.05
N LEU A 27 -17.01 -27.81 -21.55
CA LEU A 27 -16.75 -28.14 -20.16
C LEU A 27 -15.47 -27.45 -19.69
N LEU A 28 -14.39 -27.59 -20.43
CA LEU A 28 -13.09 -27.16 -20.06
C LEU A 28 -12.99 -25.66 -20.11
N SER A 29 -13.45 -25.09 -21.22
CA SER A 29 -13.48 -23.63 -21.41
C SER A 29 -14.47 -22.95 -20.46
N GLY A 30 -15.57 -23.62 -20.07
CA GLY A 30 -16.47 -23.18 -19.02
C GLY A 30 -15.83 -23.18 -17.63
N LEU A 31 -15.05 -24.19 -17.28
CA LEU A 31 -14.32 -24.21 -16.02
C LEU A 31 -13.25 -23.11 -16.03
N ALA A 32 -12.54 -22.97 -17.13
CA ALA A 32 -11.51 -21.95 -17.26
C ALA A 32 -12.12 -20.54 -17.20
N LEU A 33 -13.30 -20.33 -17.80
CA LEU A 33 -14.02 -19.07 -17.73
C LEU A 33 -14.52 -18.81 -16.31
N PHE A 34 -15.01 -19.83 -15.61
CA PHE A 34 -15.35 -19.74 -14.20
C PHE A 34 -14.13 -19.24 -13.38
N ALA A 35 -12.97 -19.87 -13.56
CA ALA A 35 -11.75 -19.39 -12.94
C ALA A 35 -11.36 -17.93 -13.32
N GLU A 36 -11.39 -17.59 -14.60
CA GLU A 36 -11.00 -16.28 -15.10
C GLU A 36 -11.92 -15.19 -14.55
N THR A 37 -13.22 -15.44 -14.54
CA THR A 37 -14.18 -14.41 -14.14
C THR A 37 -14.10 -14.14 -12.64
N ILE A 38 -13.83 -15.16 -11.83
CA ILE A 38 -13.49 -14.95 -10.42
C ILE A 38 -12.23 -14.08 -10.30
N TRP A 39 -11.22 -14.33 -11.13
CA TRP A 39 -9.98 -13.56 -11.16
C TRP A 39 -10.20 -12.10 -11.55
N VAL A 40 -11.20 -11.78 -12.37
CA VAL A 40 -11.62 -10.39 -12.57
C VAL A 40 -12.13 -9.79 -11.27
N THR A 41 -13.10 -10.45 -10.62
CA THR A 41 -13.74 -9.92 -9.40
C THR A 41 -12.80 -9.78 -8.22
N ALA A 42 -11.66 -10.46 -8.22
CA ALA A 42 -10.60 -10.26 -7.24
C ALA A 42 -9.96 -8.86 -7.29
N ASP A 43 -10.17 -8.10 -8.38
CA ASP A 43 -9.70 -6.72 -8.60
C ASP A 43 -8.21 -6.48 -8.28
N GLN A 44 -7.40 -7.16 -9.10
CA GLN A 44 -5.94 -7.22 -9.12
C GLN A 44 -5.24 -5.85 -9.14
N TYR A 45 -5.98 -4.78 -9.43
CA TYR A 45 -5.43 -3.43 -9.59
C TYR A 45 -6.18 -2.38 -8.78
N ARG A 46 -7.18 -2.75 -7.97
CA ARG A 46 -8.09 -1.85 -7.25
C ARG A 46 -8.76 -0.79 -8.14
N VAL A 47 -9.59 -1.19 -9.10
CA VAL A 47 -10.41 -0.31 -10.00
C VAL A 47 -11.92 -0.30 -9.70
N TYR A 48 -12.41 -1.22 -8.87
CA TYR A 48 -13.76 -1.23 -8.28
C TYR A 48 -14.14 0.09 -7.58
N PRO A 49 -13.22 0.81 -6.90
CA PRO A 49 -13.46 2.19 -6.47
C PRO A 49 -13.51 3.18 -7.63
N LEU A 50 -12.71 2.99 -8.68
CA LEU A 50 -12.65 3.93 -9.79
C LEU A 50 -13.92 3.95 -10.65
N MET A 51 -14.55 2.81 -10.93
CA MET A 51 -15.83 2.79 -11.67
C MET A 51 -16.96 3.49 -10.90
N GLY A 52 -17.11 3.12 -9.62
CA GLY A 52 -18.31 3.34 -8.82
C GLY A 52 -18.65 4.78 -8.49
N VAL A 53 -17.72 5.71 -8.69
CA VAL A 53 -17.95 7.15 -8.54
C VAL A 53 -18.71 7.74 -9.77
N SER A 54 -18.56 7.16 -10.96
CA SER A 54 -19.34 7.53 -12.15
C SER A 54 -20.61 6.70 -12.31
N GLY A 55 -20.58 5.45 -11.87
CA GLY A 55 -21.75 4.59 -11.80
C GLY A 55 -22.24 4.05 -13.13
N LYS A 56 -23.36 3.31 -13.05
CA LYS A 56 -24.02 2.52 -14.09
C LYS A 56 -23.17 1.33 -14.56
N ASP A 57 -22.37 0.74 -13.66
CA ASP A 57 -21.25 -0.18 -13.91
C ASP A 57 -21.58 -1.48 -14.66
N ASP A 58 -20.60 -2.00 -15.40
CA ASP A 58 -20.68 -3.31 -16.06
C ASP A 58 -19.38 -4.11 -16.05
N VAL A 59 -18.19 -3.50 -16.08
CA VAL A 59 -16.95 -4.27 -16.26
C VAL A 59 -16.80 -5.40 -15.25
N PHE A 60 -17.27 -5.18 -14.02
CA PHE A 60 -17.41 -6.22 -12.99
C PHE A 60 -18.75 -6.96 -13.05
N ALA A 61 -19.85 -6.32 -13.46
CA ALA A 61 -21.14 -6.99 -13.57
C ALA A 61 -21.11 -8.11 -14.62
N GLY A 62 -20.35 -7.92 -15.70
CA GLY A 62 -20.05 -8.98 -16.65
C GLY A 62 -19.48 -10.18 -15.92
N ALA A 63 -18.42 -10.00 -15.15
CA ALA A 63 -17.82 -11.10 -14.39
C ALA A 63 -18.79 -11.72 -13.38
N TRP A 64 -19.51 -10.91 -12.60
CA TRP A 64 -20.52 -11.39 -11.65
C TRP A 64 -21.71 -12.08 -12.33
N ILE A 65 -22.01 -11.81 -13.61
CA ILE A 65 -22.89 -12.68 -14.38
C ILE A 65 -22.15 -13.99 -14.68
N ALA A 66 -20.95 -13.84 -15.24
CA ALA A 66 -20.20 -14.89 -15.89
C ALA A 66 -19.75 -16.02 -14.97
N ILE A 67 -19.39 -15.77 -13.70
CA ILE A 67 -18.92 -16.82 -12.78
C ILE A 67 -19.90 -17.98 -12.73
N PHE A 68 -21.18 -17.66 -12.53
CA PHE A 68 -22.24 -18.66 -12.46
C PHE A 68 -22.53 -19.24 -13.84
N CYS A 69 -22.44 -18.45 -14.91
CA CYS A 69 -22.60 -18.95 -16.27
C CYS A 69 -21.50 -19.97 -16.59
N GLY A 70 -20.24 -19.71 -16.26
CA GLY A 70 -19.13 -20.64 -16.45
C GLY A 70 -19.34 -21.96 -15.69
N PHE A 71 -19.75 -21.90 -14.43
CA PHE A 71 -20.03 -23.13 -13.70
C PHE A 71 -21.27 -23.84 -14.23
N SER A 72 -22.23 -23.10 -14.79
CA SER A 72 -23.34 -23.58 -15.51
C SER A 72 -22.92 -24.39 -16.72
N PHE A 73 -21.96 -23.87 -17.49
CA PHE A 73 -21.43 -24.57 -18.64
C PHE A 73 -20.79 -25.88 -18.21
N PHE A 74 -19.99 -25.89 -17.12
CA PHE A 74 -19.47 -27.16 -16.61
C PHE A 74 -20.61 -28.16 -16.39
N VAL A 75 -21.62 -27.80 -15.59
CA VAL A 75 -22.62 -28.79 -15.16
C VAL A 75 -23.51 -29.26 -16.29
N VAL A 76 -24.02 -28.37 -17.13
CA VAL A 76 -24.85 -28.83 -18.25
C VAL A 76 -24.02 -29.58 -19.29
N ALA A 77 -22.74 -29.27 -19.45
CA ALA A 77 -21.89 -29.97 -20.40
C ALA A 77 -21.50 -31.38 -19.91
N SER A 78 -21.16 -31.56 -18.62
CA SER A 78 -20.94 -32.90 -18.09
C SER A 78 -22.18 -33.73 -18.34
N PHE A 79 -23.34 -33.20 -17.96
CA PHE A 79 -24.61 -33.86 -18.24
C PHE A 79 -24.77 -34.15 -19.73
N GLY A 80 -24.40 -33.19 -20.58
CA GLY A 80 -24.45 -33.29 -22.04
C GLY A 80 -23.63 -34.43 -22.59
N VAL A 81 -22.41 -34.65 -22.09
CA VAL A 81 -21.63 -35.85 -22.43
C VAL A 81 -22.43 -37.08 -22.02
N GLY A 82 -23.02 -37.05 -20.82
CA GLY A 82 -23.79 -38.19 -20.31
C GLY A 82 -24.98 -38.52 -21.21
N ALA A 83 -25.73 -37.50 -21.60
CA ALA A 83 -26.90 -37.61 -22.46
C ALA A 83 -26.56 -38.14 -23.84
N ALA A 84 -25.44 -37.68 -24.42
CA ALA A 84 -24.99 -38.13 -25.73
C ALA A 84 -24.70 -39.63 -25.71
N LEU A 85 -23.92 -40.11 -24.73
CA LEU A 85 -23.67 -41.54 -24.57
C LEU A 85 -24.99 -42.25 -24.30
N CYS A 86 -25.82 -41.73 -23.42
CA CYS A 86 -27.08 -42.40 -23.09
C CYS A 86 -28.09 -42.40 -24.22
N ARG A 87 -27.95 -41.51 -25.21
CA ARG A 87 -28.83 -41.32 -26.38
C ARG A 87 -30.34 -41.31 -26.05
N ARG A 88 -30.76 -40.72 -24.92
CA ARG A 88 -32.18 -40.74 -24.50
C ARG A 88 -32.84 -39.43 -24.95
N ARG A 89 -33.90 -39.49 -25.77
CA ARG A 89 -34.64 -38.31 -26.29
C ARG A 89 -34.83 -37.24 -25.24
N SER A 90 -35.51 -37.59 -24.15
CA SER A 90 -35.79 -36.64 -23.08
C SER A 90 -34.53 -36.10 -22.40
N MET A 91 -33.42 -36.82 -22.38
CA MET A 91 -32.17 -36.24 -21.87
C MET A 91 -31.61 -35.19 -22.82
N ILE A 92 -31.69 -35.42 -24.13
CA ILE A 92 -31.17 -34.45 -25.12
C ILE A 92 -32.02 -33.18 -25.11
N LEU A 93 -33.34 -33.30 -24.92
CA LEU A 93 -34.20 -32.14 -24.68
C LEU A 93 -33.68 -31.33 -23.50
N THR A 94 -33.49 -31.95 -22.34
CA THR A 94 -32.93 -31.28 -21.16
C THR A 94 -31.49 -30.81 -21.34
N TYR A 95 -30.77 -31.24 -22.38
CA TYR A 95 -29.51 -30.60 -22.72
C TYR A 95 -29.73 -29.24 -23.41
N LEU A 96 -30.60 -29.21 -24.43
CA LEU A 96 -31.00 -27.97 -25.10
C LEU A 96 -31.55 -26.98 -24.07
N VAL A 97 -32.59 -27.40 -23.36
CA VAL A 97 -33.40 -26.51 -22.53
C VAL A 97 -32.79 -26.27 -21.16
N LEU A 98 -31.53 -26.60 -20.96
CA LEU A 98 -30.72 -25.95 -19.93
C LEU A 98 -29.66 -25.03 -20.55
N MET A 99 -28.91 -25.55 -21.52
CA MET A 99 -27.83 -24.80 -22.18
C MET A 99 -28.29 -23.44 -22.69
N LEU A 100 -29.46 -23.37 -23.35
CA LEU A 100 -29.84 -22.17 -24.07
C LEU A 100 -30.19 -20.99 -23.17
N ILE A 101 -30.39 -21.24 -21.86
CA ILE A 101 -30.59 -20.19 -20.87
C ILE A 101 -29.25 -19.63 -20.39
N VAL A 102 -28.32 -20.53 -20.05
CA VAL A 102 -26.92 -20.16 -19.74
C VAL A 102 -26.31 -19.39 -20.89
N TYR A 103 -26.57 -19.84 -22.12
CA TYR A 103 -26.20 -19.16 -23.35
C TYR A 103 -26.70 -17.73 -23.34
N ILE A 104 -28.00 -17.50 -23.10
CA ILE A 104 -28.50 -16.13 -23.09
C ILE A 104 -27.83 -15.34 -21.98
N PHE A 105 -27.65 -15.92 -20.79
CA PHE A 105 -27.01 -15.09 -19.74
C PHE A 105 -25.57 -14.75 -20.12
N GLU A 106 -24.82 -15.68 -20.69
CA GLU A 106 -23.44 -15.42 -21.08
C GLU A 106 -23.35 -14.39 -22.21
N CYS A 107 -24.32 -14.34 -23.12
CA CYS A 107 -24.39 -13.25 -24.10
C CYS A 107 -24.40 -11.88 -23.42
N ALA A 108 -25.21 -11.75 -22.37
CA ALA A 108 -25.31 -10.53 -21.59
C ALA A 108 -23.96 -10.23 -20.93
N SER A 109 -23.31 -11.21 -20.30
CA SER A 109 -21.95 -11.09 -19.78
C SER A 109 -20.98 -10.53 -20.83
N CYS A 110 -20.96 -11.09 -22.04
CA CYS A 110 -20.16 -10.60 -23.16
C CYS A 110 -20.49 -9.13 -23.48
N ILE A 111 -21.77 -8.82 -23.70
CA ILE A 111 -22.19 -7.51 -24.16
C ILE A 111 -21.91 -6.43 -23.10
N THR A 112 -22.38 -6.67 -21.87
CA THR A 112 -22.23 -5.80 -20.70
C THR A 112 -20.76 -5.49 -20.44
N SER A 113 -19.94 -6.52 -20.29
CA SER A 113 -18.51 -6.36 -20.04
C SER A 113 -17.86 -5.47 -21.10
N TYR A 114 -18.16 -5.69 -22.38
CA TYR A 114 -17.52 -4.88 -23.39
C TYR A 114 -18.08 -3.45 -23.44
N THR A 115 -19.40 -3.32 -23.44
CA THR A 115 -20.08 -2.05 -23.73
C THR A 115 -19.63 -0.94 -22.81
N HIS A 116 -19.44 -1.19 -21.52
CA HIS A 116 -18.97 -0.14 -20.62
C HIS A 116 -17.53 0.27 -20.90
N ARG A 117 -16.67 -0.65 -21.36
CA ARG A 117 -15.23 -0.41 -21.62
C ARG A 117 -15.04 0.84 -22.46
N ASP A 118 -15.62 0.88 -23.65
CA ASP A 118 -15.51 2.02 -24.54
C ASP A 118 -16.26 3.24 -24.04
N TYR A 119 -17.32 3.04 -23.26
CA TYR A 119 -18.00 4.12 -22.56
C TYR A 119 -17.12 4.85 -21.54
N MET A 120 -15.87 4.42 -21.30
CA MET A 120 -14.95 5.07 -20.37
C MET A 120 -13.45 5.03 -20.70
N VAL A 121 -12.98 4.13 -21.57
CA VAL A 121 -11.56 4.07 -22.01
C VAL A 121 -11.38 4.01 -23.53
N SER A 122 -12.32 4.64 -24.25
CA SER A 122 -12.10 5.16 -25.60
C SER A 122 -11.35 6.50 -25.58
N ASN A 123 -11.43 7.25 -24.50
CA ASN A 123 -10.58 8.42 -24.25
C ASN A 123 -10.32 8.57 -22.75
N PRO A 124 -9.14 8.99 -22.30
CA PRO A 124 -8.84 9.08 -20.87
C PRO A 124 -9.71 10.08 -20.09
N SER A 125 -10.25 11.09 -20.78
CA SER A 125 -10.91 12.22 -20.11
C SER A 125 -12.12 11.80 -19.27
N LEU A 126 -12.81 10.75 -19.70
CA LEU A 126 -13.93 10.18 -18.95
C LEU A 126 -13.52 9.69 -17.57
N ILE A 127 -12.28 9.24 -17.42
CA ILE A 127 -11.70 8.93 -16.13
C ILE A 127 -11.09 10.17 -15.49
N THR A 128 -10.47 11.05 -16.27
CA THR A 128 -9.79 12.24 -15.73
C THR A 128 -10.72 13.13 -14.94
N LYS A 129 -11.99 13.21 -15.33
CA LYS A 129 -13.01 14.01 -14.63
C LYS A 129 -13.06 13.69 -13.13
N GLN A 130 -12.96 12.41 -12.79
CA GLN A 130 -12.95 11.97 -11.40
C GLN A 130 -11.75 12.52 -10.66
N MET A 131 -10.56 12.38 -11.20
CA MET A 131 -9.35 12.86 -10.54
C MET A 131 -9.39 14.36 -10.28
N LEU A 132 -9.85 15.16 -11.24
CA LEU A 132 -9.93 16.60 -11.06
C LEU A 132 -10.93 16.98 -9.95
N THR A 133 -12.01 16.21 -9.81
CA THR A 133 -13.06 16.41 -8.80
C THR A 133 -12.62 16.00 -7.40
N PHE A 134 -12.17 14.75 -7.27
CA PHE A 134 -12.05 14.03 -6.01
C PHE A 134 -10.62 13.99 -5.44
N TYR A 135 -9.57 14.39 -6.15
CA TYR A 135 -8.22 14.29 -5.60
C TYR A 135 -8.01 15.21 -4.41
N SER A 136 -7.68 14.61 -3.27
CA SER A 136 -7.48 15.27 -1.99
C SER A 136 -8.64 16.22 -1.60
N ALA A 137 -9.84 15.95 -2.11
CA ALA A 137 -11.05 16.75 -1.91
C ALA A 137 -11.82 16.28 -0.69
N ASP A 138 -12.39 17.21 0.07
CA ASP A 138 -12.90 16.96 1.42
C ASP A 138 -14.13 16.05 1.49
N SER A 139 -14.95 15.99 0.44
CA SER A 139 -16.16 15.16 0.40
C SER A 139 -15.87 13.65 0.53
N ASP A 140 -16.83 12.87 1.03
CA ASP A 140 -16.70 11.45 1.36
C ASP A 140 -15.92 10.63 0.32
N GLN A 141 -16.38 10.60 -0.93
CA GLN A 141 -15.71 9.82 -1.97
C GLN A 141 -14.36 10.43 -2.41
N GLY A 142 -14.13 11.71 -2.12
CA GLY A 142 -12.84 12.38 -2.30
C GLY A 142 -11.71 11.69 -1.54
N ARG A 143 -11.93 11.32 -0.28
CA ARG A 143 -10.98 10.52 0.49
C ARG A 143 -10.87 9.09 -0.02
N GLU A 144 -11.99 8.43 -0.30
CA GLU A 144 -11.99 7.03 -0.75
C GLU A 144 -11.13 6.85 -2.00
N LEU A 145 -11.39 7.66 -3.02
CA LEU A 145 -10.69 7.55 -4.29
C LEU A 145 -9.29 8.13 -4.23
N THR A 146 -9.02 9.09 -3.34
CA THR A 146 -7.64 9.52 -3.11
C THR A 146 -6.79 8.41 -2.46
N ARG A 147 -7.37 7.43 -1.73
CA ARG A 147 -6.62 6.24 -1.31
C ARG A 147 -6.21 5.35 -2.48
N LEU A 148 -7.09 5.17 -3.48
CA LEU A 148 -6.75 4.47 -4.73
C LEU A 148 -5.60 5.16 -5.46
N TRP A 149 -5.72 6.47 -5.66
CA TRP A 149 -4.76 7.25 -6.44
C TRP A 149 -3.42 7.39 -5.77
N ASP A 150 -3.34 7.83 -4.52
CA ASP A 150 -2.03 7.99 -3.87
C ASP A 150 -1.30 6.66 -3.70
N ARG A 151 -2.02 5.54 -3.74
CA ARG A 151 -1.38 4.23 -3.86
C ARG A 151 -0.91 3.96 -5.28
N VAL A 152 -1.73 4.12 -6.32
CA VAL A 152 -1.30 3.93 -7.73
C VAL A 152 -0.03 4.72 -8.00
N MET A 153 -0.04 5.98 -7.59
CA MET A 153 1.02 6.94 -7.80
C MET A 153 2.40 6.42 -7.45
N ILE A 154 2.63 6.00 -6.21
CA ILE A 154 3.96 5.61 -5.73
C ILE A 154 4.17 4.10 -5.63
N GLU A 155 3.15 3.31 -5.98
CA GLU A 155 3.33 1.90 -6.37
C GLU A 155 3.96 1.77 -7.76
N GLN A 156 3.73 2.72 -8.68
CA GLN A 156 4.06 2.61 -10.11
C GLN A 156 4.79 3.82 -10.71
N GLU A 157 5.07 4.86 -9.93
CA GLU A 157 5.79 6.07 -10.31
C GLU A 157 5.15 6.85 -11.47
N CYS A 158 3.96 7.43 -11.29
CA CYS A 158 3.37 8.35 -12.28
C CYS A 158 2.57 9.49 -11.62
N CYS A 159 2.61 10.69 -12.20
CA CYS A 159 1.99 11.89 -11.63
C CYS A 159 0.54 12.15 -12.08
N GLY A 160 0.10 11.52 -13.15
CA GLY A 160 -1.25 11.64 -13.72
C GLY A 160 -1.32 11.01 -15.10
N THR A 161 -2.50 10.91 -15.72
CA THR A 161 -2.67 10.46 -17.10
C THR A 161 -1.83 11.25 -18.13
N SER A 162 -1.64 12.54 -17.95
CA SER A 162 -0.61 13.35 -18.61
C SER A 162 0.36 13.91 -17.57
N GLY A 163 0.72 13.06 -16.63
CA GLY A 163 1.83 13.27 -15.72
C GLY A 163 1.73 14.60 -14.98
N PRO A 164 2.83 15.35 -14.86
CA PRO A 164 2.88 16.64 -14.20
C PRO A 164 2.28 17.77 -15.04
N MET A 165 1.32 17.50 -15.92
CA MET A 165 0.58 18.53 -16.63
C MET A 165 -0.94 18.45 -16.52
N ASP A 166 -1.58 17.31 -16.21
CA ASP A 166 -3.04 17.30 -15.97
C ASP A 166 -3.49 18.40 -15.01
N TRP A 167 -2.70 18.57 -13.95
CA TRP A 167 -2.89 19.50 -12.85
C TRP A 167 -2.75 20.98 -13.24
N VAL A 168 -2.35 21.28 -14.48
CA VAL A 168 -2.47 22.61 -15.06
C VAL A 168 -3.24 22.63 -16.38
N ASN A 169 -3.45 21.49 -17.04
CA ASN A 169 -4.32 21.36 -18.22
C ASN A 169 -5.82 21.53 -17.92
N PHE A 170 -6.23 21.39 -16.66
CA PHE A 170 -7.62 21.50 -16.25
C PHE A 170 -7.75 22.12 -14.86
N THR A 171 -8.94 22.65 -14.56
CA THR A 171 -9.39 22.97 -13.19
C THR A 171 -9.51 21.69 -12.35
N SER A 172 -9.01 21.65 -11.11
CA SER A 172 -9.20 20.55 -10.14
C SER A 172 -9.28 21.06 -8.71
N ALA A 173 -9.86 20.25 -7.81
CA ALA A 173 -10.04 20.57 -6.40
C ALA A 173 -8.75 21.05 -5.72
N PHE A 174 -7.63 20.52 -6.18
CA PHE A 174 -6.28 20.86 -5.78
C PHE A 174 -5.98 22.38 -5.87
N ARG A 175 -6.32 23.07 -6.96
CA ARG A 175 -6.07 24.52 -7.11
C ARG A 175 -6.63 25.30 -5.94
N ALA A 176 -7.88 25.00 -5.61
CA ALA A 176 -8.62 25.73 -4.61
C ALA A 176 -8.06 25.56 -3.20
N SER A 177 -7.25 24.54 -2.94
CA SER A 177 -6.52 24.40 -1.68
C SER A 177 -5.02 24.69 -1.81
N THR A 178 -4.50 24.69 -3.03
CA THR A 178 -3.07 24.62 -3.31
C THR A 178 -2.69 25.72 -4.30
N PRO A 179 -2.32 26.93 -3.86
CA PRO A 179 -1.92 28.00 -4.75
C PRO A 179 -0.70 27.58 -5.59
N GLU A 180 -0.81 27.64 -6.92
CA GLU A 180 0.03 26.80 -7.77
C GLU A 180 1.50 27.20 -7.74
N VAL A 181 1.78 28.46 -7.42
CA VAL A 181 3.13 29.01 -7.15
C VAL A 181 3.92 28.20 -6.12
N VAL A 182 3.28 27.36 -5.30
CA VAL A 182 3.92 26.46 -4.33
C VAL A 182 3.98 25.01 -4.81
N PHE A 183 2.96 24.51 -5.47
CA PHE A 183 2.90 23.16 -6.06
C PHE A 183 1.94 23.15 -7.25
N PRO A 184 2.42 23.15 -8.50
CA PRO A 184 1.56 23.03 -9.67
C PRO A 184 1.01 21.63 -9.92
N TRP A 185 1.44 20.66 -9.13
CA TRP A 185 1.14 19.24 -9.25
C TRP A 185 1.17 18.63 -7.84
N PRO A 186 0.56 17.46 -7.59
CA PRO A 186 0.62 16.80 -6.29
C PRO A 186 2.05 16.68 -5.74
N PRO A 187 2.31 16.93 -4.44
CA PRO A 187 3.64 16.76 -3.88
C PRO A 187 4.13 15.32 -4.01
N LEU A 188 3.22 14.33 -4.01
CA LEU A 188 3.56 12.93 -4.26
C LEU A 188 4.00 12.61 -5.69
N CYS A 189 3.98 13.56 -6.63
CA CYS A 189 4.62 13.39 -7.93
C CYS A 189 6.15 13.43 -7.87
N CYS A 190 6.77 14.04 -6.86
CA CYS A 190 8.22 14.02 -6.72
C CYS A 190 8.68 12.61 -6.35
N ARG A 191 9.81 12.12 -6.88
CA ARG A 191 10.40 10.88 -6.34
C ARG A 191 10.95 11.07 -4.92
N ARG A 192 10.58 10.17 -4.02
CA ARG A 192 10.84 10.23 -2.58
C ARG A 192 11.93 9.22 -2.25
N THR A 193 12.86 9.58 -1.36
CA THR A 193 13.92 8.67 -0.89
C THR A 193 13.33 7.49 -0.10
N GLY A 194 14.16 6.54 0.34
CA GLY A 194 13.74 5.52 1.32
C GLY A 194 13.31 6.11 2.68
N ASN A 195 13.84 7.27 3.07
CA ASN A 195 13.36 8.06 4.22
C ASN A 195 12.07 8.87 3.89
N PHE A 196 11.46 8.67 2.73
CA PHE A 196 10.24 9.35 2.27
C PHE A 196 10.31 10.87 2.16
N ILE A 197 11.49 11.47 2.21
CA ILE A 197 11.69 12.93 2.06
C ILE A 197 11.84 13.29 0.56
N PRO A 198 11.42 14.47 0.07
CA PRO A 198 11.68 14.92 -1.29
C PRO A 198 13.18 15.06 -1.59
N VAL A 199 13.60 14.68 -2.81
CA VAL A 199 15.01 14.67 -3.18
C VAL A 199 15.60 16.09 -3.34
N ASN A 200 14.90 17.01 -3.99
CA ASN A 200 15.21 18.44 -3.92
C ASN A 200 13.92 19.27 -4.03
N GLU A 201 13.90 20.44 -3.39
CA GLU A 201 12.70 21.29 -3.32
C GLU A 201 12.38 21.96 -4.65
N GLU A 202 13.23 22.88 -5.11
CA GLU A 202 13.10 23.49 -6.44
C GLU A 202 13.09 22.44 -7.54
N GLY A 203 13.81 21.34 -7.37
CA GLY A 203 13.81 20.22 -8.30
C GLY A 203 12.45 19.57 -8.53
N CYS A 204 11.47 19.86 -7.69
CA CYS A 204 10.12 19.42 -7.89
C CYS A 204 9.10 20.57 -7.97
N ARG A 205 9.33 21.69 -7.29
CA ARG A 205 8.48 22.91 -7.37
C ARG A 205 8.63 23.65 -8.70
N LEU A 206 9.81 23.60 -9.33
CA LEU A 206 10.10 24.02 -10.71
C LEU A 206 10.07 22.82 -11.67
N GLY A 207 10.67 21.69 -11.29
CA GLY A 207 10.43 20.37 -11.90
C GLY A 207 11.29 19.99 -13.10
N HIS A 208 12.54 19.55 -12.87
CA HIS A 208 13.33 18.83 -13.89
C HIS A 208 12.71 17.45 -14.19
N LEU A 209 12.90 16.95 -15.41
CA LEU A 209 12.15 15.81 -15.97
C LEU A 209 12.53 14.42 -15.43
N ASP A 210 13.13 14.34 -14.23
CA ASP A 210 13.77 13.15 -13.67
C ASP A 210 13.48 12.98 -12.17
N TYR A 211 13.43 14.08 -11.42
CA TYR A 211 12.82 14.13 -10.09
C TYR A 211 11.29 13.97 -10.13
N LEU A 212 10.64 14.41 -11.20
CA LEU A 212 9.20 14.22 -11.43
C LEU A 212 8.88 12.80 -11.90
N PHE A 213 7.77 12.23 -11.46
CA PHE A 213 7.18 11.03 -12.08
C PHE A 213 6.46 11.38 -13.39
N THR A 214 7.19 11.48 -14.50
CA THR A 214 6.65 12.04 -15.77
C THR A 214 5.74 11.12 -16.57
N LYS A 215 5.74 9.80 -16.32
CA LYS A 215 4.90 8.82 -17.03
C LYS A 215 3.39 9.15 -16.95
N GLY A 216 2.64 8.73 -17.96
CA GLY A 216 1.17 8.86 -18.02
C GLY A 216 0.41 7.70 -17.36
N CYS A 217 -0.23 7.96 -16.23
CA CYS A 217 -0.92 6.98 -15.40
C CYS A 217 -2.05 6.20 -16.06
N PHE A 218 -2.65 6.75 -17.11
CA PHE A 218 -3.75 6.06 -17.78
C PHE A 218 -3.33 4.74 -18.39
N GLU A 219 -2.05 4.49 -18.66
CA GLU A 219 -1.62 3.16 -19.14
C GLU A 219 -2.14 2.09 -18.18
N HIS A 220 -1.85 2.21 -16.88
CA HIS A 220 -2.19 1.16 -15.92
C HIS A 220 -3.71 0.99 -15.84
N ILE A 221 -4.42 2.10 -15.75
CA ILE A 221 -5.87 2.13 -15.64
C ILE A 221 -6.50 1.52 -16.88
N GLY A 222 -6.05 1.94 -18.06
CA GLY A 222 -6.54 1.41 -19.32
C GLY A 222 -6.20 -0.06 -19.49
N HIS A 223 -4.97 -0.46 -19.19
CA HIS A 223 -4.55 -1.81 -19.40
C HIS A 223 -5.26 -2.75 -18.45
N ALA A 224 -5.51 -2.31 -17.21
CA ALA A 224 -6.36 -3.04 -16.30
C ALA A 224 -7.74 -3.23 -16.92
N ILE A 225 -8.44 -2.15 -17.24
CA ILE A 225 -9.82 -2.21 -17.74
C ILE A 225 -9.94 -3.08 -18.99
N ASP A 226 -9.07 -2.81 -19.97
CA ASP A 226 -8.95 -3.55 -21.21
C ASP A 226 -8.73 -5.04 -20.96
N SER A 227 -7.76 -5.40 -20.12
CA SER A 227 -7.46 -6.81 -19.81
C SER A 227 -8.59 -7.55 -19.11
N TYR A 228 -9.21 -6.97 -18.08
CA TYR A 228 -10.41 -7.53 -17.44
C TYR A 228 -11.51 -7.78 -18.47
N THR A 229 -11.74 -6.79 -19.34
CA THR A 229 -12.79 -6.84 -20.35
C THR A 229 -12.62 -8.02 -21.29
N TRP A 230 -11.53 -8.09 -22.04
CA TRP A 230 -11.39 -9.11 -23.08
C TRP A 230 -11.45 -10.54 -22.52
N GLY A 231 -11.02 -10.72 -21.27
CA GLY A 231 -11.10 -11.98 -20.55
C GLY A 231 -12.53 -12.47 -20.45
N ILE A 232 -13.44 -11.59 -20.02
CA ILE A 232 -14.87 -11.88 -20.07
C ILE A 232 -15.34 -11.98 -21.52
N SER A 233 -15.19 -10.89 -22.27
CA SER A 233 -15.93 -10.70 -23.52
C SER A 233 -15.56 -11.70 -24.60
N TRP A 234 -14.27 -11.88 -24.90
CA TRP A 234 -13.90 -12.78 -26.00
C TRP A 234 -13.85 -14.23 -25.59
N PHE A 235 -13.47 -14.54 -24.36
CA PHE A 235 -13.55 -15.92 -23.95
C PHE A 235 -15.00 -16.38 -23.98
N GLY A 236 -15.92 -15.55 -23.50
CA GLY A 236 -17.35 -15.71 -23.68
C GLY A 236 -17.72 -16.02 -25.13
N PHE A 237 -17.42 -15.14 -26.08
CA PHE A 237 -17.72 -15.46 -27.48
C PHE A 237 -17.07 -16.73 -27.96
N ALA A 238 -15.84 -17.03 -27.55
CA ALA A 238 -15.21 -18.27 -27.94
C ALA A 238 -15.99 -19.51 -27.45
N ILE A 239 -16.48 -19.53 -26.20
CA ILE A 239 -17.37 -20.62 -25.75
C ILE A 239 -18.59 -20.68 -26.65
N LEU A 240 -19.18 -19.51 -26.90
CA LEU A 240 -20.48 -19.43 -27.54
C LEU A 240 -20.40 -19.86 -29.00
N MET A 241 -19.31 -19.55 -29.70
CA MET A 241 -19.10 -19.97 -31.08
C MET A 241 -18.85 -21.48 -31.23
N TRP A 242 -18.36 -22.16 -30.18
CA TRP A 242 -18.39 -23.63 -30.08
C TRP A 242 -19.77 -24.15 -29.71
N THR A 243 -20.49 -23.48 -28.82
CA THR A 243 -21.84 -23.92 -28.45
C THR A 243 -22.76 -23.93 -29.65
N LEU A 244 -22.79 -22.93 -30.53
CA LEU A 244 -23.70 -22.93 -31.69
C LEU A 244 -23.62 -24.23 -32.51
N PRO A 245 -22.47 -24.64 -33.06
CA PRO A 245 -22.42 -25.85 -33.85
C PRO A 245 -22.77 -27.11 -33.05
N VAL A 246 -22.41 -27.18 -31.77
CA VAL A 246 -22.79 -28.30 -30.90
C VAL A 246 -24.28 -28.30 -30.64
N MET A 247 -24.86 -27.14 -30.36
CA MET A 247 -26.29 -26.95 -30.11
C MET A 247 -27.12 -27.18 -31.39
N LEU A 248 -26.63 -26.79 -32.56
CA LEU A 248 -27.24 -27.14 -33.84
C LEU A 248 -27.19 -28.66 -34.11
N ILE A 249 -26.02 -29.28 -33.95
CA ILE A 249 -25.93 -30.74 -34.00
C ILE A 249 -26.91 -31.35 -33.01
N ALA A 250 -27.08 -30.75 -31.83
CA ALA A 250 -28.01 -31.22 -30.83
C ALA A 250 -29.46 -31.08 -31.29
N MET A 251 -29.82 -30.04 -32.04
CA MET A 251 -31.15 -29.99 -32.69
C MET A 251 -31.34 -31.20 -33.59
N TYR A 252 -30.33 -31.50 -34.40
CA TYR A 252 -30.41 -32.66 -35.30
C TYR A 252 -30.49 -33.99 -34.53
N PHE A 253 -29.80 -34.11 -33.41
CA PHE A 253 -30.02 -35.23 -32.54
C PHE A 253 -31.45 -35.29 -32.00
N TYR A 254 -32.01 -34.17 -31.49
CA TYR A 254 -33.34 -34.17 -30.89
C TYR A 254 -34.43 -34.51 -31.93
N THR A 255 -34.23 -34.08 -33.17
CA THR A 255 -35.15 -34.31 -34.29
C THR A 255 -34.90 -35.62 -35.04
N THR A 256 -33.77 -36.30 -34.84
CA THR A 256 -33.56 -37.67 -35.35
C THR A 256 -34.07 -38.75 -34.41
N LEU A 257 -33.87 -38.58 -33.09
CA LEU A 257 -34.38 -39.47 -32.05
C LEU A 257 -35.85 -39.21 -31.66
N ASP B 26 25.41 43.32 -24.43
CA ASP B 26 24.15 43.57 -25.11
C ASP B 26 23.56 42.25 -25.64
N PHE B 27 23.55 41.23 -24.79
CA PHE B 27 23.37 39.81 -25.11
C PHE B 27 21.97 39.39 -25.61
N ASN B 28 21.81 38.09 -25.88
CA ASN B 28 20.53 37.45 -26.15
C ASN B 28 20.22 36.39 -25.09
N ILE B 29 19.02 36.35 -24.50
CA ILE B 29 18.68 35.33 -23.50
C ILE B 29 18.65 33.93 -24.11
N SER B 30 19.08 32.94 -23.34
CA SER B 30 18.94 31.52 -23.70
C SER B 30 17.56 30.95 -23.37
N SER B 31 17.38 29.63 -23.51
CA SER B 31 16.12 28.91 -23.27
C SER B 31 16.35 27.56 -22.58
N LEU B 32 16.08 27.46 -21.28
CA LEU B 32 16.35 26.28 -20.45
C LEU B 32 15.27 25.20 -20.59
N SER B 33 14.63 25.11 -21.76
CA SER B 33 13.59 24.11 -22.05
C SER B 33 14.12 22.68 -22.13
N GLY B 34 15.44 22.47 -22.05
CA GLY B 34 16.08 21.16 -22.00
C GLY B 34 15.69 20.36 -20.74
N PRO B 35 16.13 20.79 -19.54
CA PRO B 35 16.00 19.99 -18.32
C PRO B 35 14.58 19.79 -17.75
N LEU B 36 13.56 20.52 -18.21
CA LEU B 36 12.31 20.78 -17.47
C LEU B 36 11.11 21.03 -18.41
N SER B 37 9.94 21.40 -17.88
CA SER B 37 8.88 22.04 -18.67
C SER B 37 8.70 23.51 -18.22
N PRO B 38 8.91 24.53 -19.09
CA PRO B 38 8.92 25.93 -18.66
C PRO B 38 7.59 26.65 -18.88
N ALA B 39 6.75 26.16 -19.80
CA ALA B 39 5.41 26.67 -20.04
C ALA B 39 4.39 25.99 -19.12
N LEU B 40 3.37 26.73 -18.72
CA LEU B 40 2.50 26.42 -17.59
C LEU B 40 1.22 27.26 -17.66
N THR B 41 0.21 26.93 -16.85
CA THR B 41 -0.74 27.96 -16.42
C THR B 41 -0.03 28.86 -15.41
N GLU B 42 -0.28 30.16 -15.40
CA GLU B 42 0.47 31.12 -14.57
C GLU B 42 1.99 31.18 -14.84
N SER B 43 2.86 30.66 -13.97
CA SER B 43 4.29 31.05 -13.94
C SER B 43 5.19 30.45 -15.03
N LEU B 44 6.21 31.19 -15.47
CA LEU B 44 7.18 30.82 -16.52
C LEU B 44 8.63 31.05 -16.04
N LEU B 45 9.62 30.53 -16.78
CA LEU B 45 11.04 30.57 -16.41
C LEU B 45 11.93 31.36 -17.38
N VAL B 46 12.93 32.05 -16.85
CA VAL B 46 13.81 33.00 -17.55
C VAL B 46 15.30 32.70 -17.29
N ALA B 47 16.16 32.81 -18.30
CA ALA B 47 17.60 32.67 -18.14
C ALA B 47 18.22 33.85 -17.40
N LEU B 48 19.15 33.59 -16.49
CA LEU B 48 19.92 34.64 -15.84
C LEU B 48 20.82 35.37 -16.85
N PRO B 49 21.25 36.61 -16.59
CA PRO B 49 22.23 37.32 -17.43
C PRO B 49 23.61 36.65 -17.49
N PRO B 50 24.45 37.00 -18.47
CA PRO B 50 25.75 36.37 -18.68
C PRO B 50 26.77 36.61 -17.58
N CYS B 51 27.76 35.74 -17.49
CA CYS B 51 28.83 35.86 -16.50
C CYS B 51 29.68 37.12 -16.64
N HIS B 52 29.73 37.73 -17.81
CA HIS B 52 30.28 39.08 -18.00
C HIS B 52 29.73 40.09 -16.96
N LEU B 53 28.47 39.96 -16.57
CA LEU B 53 27.78 40.91 -15.69
C LEU B 53 27.91 40.62 -14.18
N THR B 54 28.44 39.47 -13.77
CA THR B 54 28.15 38.97 -12.40
C THR B 54 28.60 39.89 -11.26
N GLY B 55 27.79 39.93 -10.19
CA GLY B 55 27.84 40.97 -9.16
C GLY B 55 27.18 42.30 -9.58
N GLY B 56 26.69 42.40 -10.82
CA GLY B 56 26.00 43.59 -11.32
C GLY B 56 24.60 43.74 -10.74
N ASN B 57 23.96 44.88 -11.00
CA ASN B 57 22.59 45.18 -10.60
C ASN B 57 21.69 45.04 -11.83
N ALA B 58 20.79 44.07 -11.83
CA ALA B 58 19.91 43.75 -12.95
C ALA B 58 18.46 44.11 -12.65
N THR B 59 17.75 44.67 -13.62
CA THR B 59 16.28 44.76 -13.59
C THR B 59 15.71 43.91 -14.72
N LEU B 60 14.94 42.89 -14.39
CA LEU B 60 14.09 42.21 -15.36
C LEU B 60 12.84 43.06 -15.57
N MET B 61 12.34 43.13 -16.79
CA MET B 61 11.08 43.79 -17.13
C MET B 61 10.18 42.88 -17.97
N VAL B 62 8.90 42.87 -17.64
CA VAL B 62 7.92 42.00 -18.28
C VAL B 62 6.71 42.81 -18.75
N ARG B 63 6.16 42.50 -19.94
CA ARG B 63 5.14 43.31 -20.62
C ARG B 63 4.08 42.43 -21.30
N ARG B 64 2.83 42.51 -20.85
CA ARG B 64 1.68 41.84 -21.47
C ARG B 64 1.39 42.45 -22.83
N ALA B 65 1.44 41.67 -23.89
CA ALA B 65 1.62 42.17 -25.25
C ALA B 65 0.57 43.19 -25.70
N ASN B 66 -0.69 42.97 -25.37
CA ASN B 66 -1.83 43.80 -25.76
C ASN B 66 -1.75 45.26 -25.26
N ASP B 67 -1.05 45.47 -24.16
CA ASP B 67 -0.97 46.74 -23.45
C ASP B 67 0.45 47.27 -23.39
N SER B 68 0.57 48.53 -23.01
CA SER B 68 1.82 49.19 -22.60
C SER B 68 2.34 48.74 -21.23
N LYS B 69 1.60 47.87 -20.53
CA LYS B 69 1.79 47.49 -19.12
C LYS B 69 3.07 46.68 -18.86
N VAL B 70 4.13 47.40 -18.50
CA VAL B 70 5.42 46.92 -17.96
C VAL B 70 5.37 46.74 -16.45
N VAL B 71 6.07 45.71 -15.96
CA VAL B 71 6.34 45.47 -14.54
C VAL B 71 7.84 45.18 -14.34
N LYS B 72 8.45 45.80 -13.33
CA LYS B 72 9.87 45.66 -12.99
C LYS B 72 10.08 44.73 -11.79
N SER B 73 11.04 43.83 -11.87
CA SER B 73 11.59 43.11 -10.71
C SER B 73 13.11 43.07 -10.81
N SER B 74 13.83 43.44 -9.75
CA SER B 74 15.28 43.68 -9.81
C SER B 74 16.05 42.84 -8.80
N PHE B 75 17.26 42.45 -9.16
CA PHE B 75 18.13 41.60 -8.35
C PHE B 75 19.60 41.73 -8.78
N MET B 76 20.52 41.33 -7.89
CA MET B 76 21.93 41.27 -8.20
C MET B 76 22.23 40.05 -9.05
N VAL B 77 23.18 40.16 -9.99
CA VAL B 77 23.57 39.05 -10.87
C VAL B 77 24.33 38.02 -10.05
N PRO B 78 23.84 36.79 -9.88
CA PRO B 78 24.44 35.80 -8.98
C PRO B 78 25.78 35.30 -9.49
N PRO B 79 26.66 34.79 -8.62
CA PRO B 79 27.89 34.09 -9.00
C PRO B 79 27.61 32.89 -9.91
N CYS B 80 28.44 32.71 -10.93
CA CYS B 80 28.21 31.73 -11.99
C CYS B 80 28.53 30.30 -11.53
N ARG B 81 27.57 29.63 -10.90
CA ARG B 81 27.65 28.23 -10.44
C ARG B 81 27.59 27.24 -11.61
N GLY B 82 28.18 27.60 -12.75
CA GLY B 82 28.35 26.79 -13.95
C GLY B 82 27.02 26.19 -14.40
N ARG B 83 26.85 24.91 -14.07
CA ARG B 83 25.63 24.12 -14.32
C ARG B 83 25.20 23.29 -13.09
N ARG B 84 25.42 23.78 -11.85
CA ARG B 84 24.99 23.11 -10.60
C ARG B 84 23.50 23.27 -10.31
N GLU B 85 22.70 22.78 -11.23
CA GLU B 85 21.32 22.35 -11.02
C GLU B 85 20.33 23.44 -10.55
N LEU B 86 19.95 23.51 -9.26
CA LEU B 86 18.66 24.05 -8.77
C LEU B 86 18.72 25.21 -7.76
N VAL B 87 18.12 26.34 -8.12
CA VAL B 87 17.80 27.60 -7.37
C VAL B 87 16.81 28.44 -8.22
N SER B 88 16.15 29.46 -7.67
CA SER B 88 15.44 30.47 -8.48
C SER B 88 16.38 31.58 -8.96
N SER B 102 18.62 26.40 -12.70
CA SER B 102 19.01 27.64 -11.99
C SER B 102 18.40 28.91 -12.59
N ALA B 103 17.25 28.78 -13.26
CA ALA B 103 16.50 29.89 -13.85
C ALA B 103 16.06 30.95 -12.82
N TYR B 104 15.75 32.16 -13.28
CA TYR B 104 14.80 33.02 -12.57
C TYR B 104 13.36 32.57 -12.84
N GLN B 105 12.45 32.74 -11.87
CA GLN B 105 11.02 32.43 -12.02
C GLN B 105 10.19 33.70 -12.02
N VAL B 106 9.20 33.76 -12.91
CA VAL B 106 8.32 34.91 -13.15
C VAL B 106 6.86 34.49 -13.03
N THR B 107 6.06 35.25 -12.29
CA THR B 107 4.67 34.89 -11.98
C THR B 107 3.73 36.09 -11.69
N ASN B 108 2.43 35.82 -11.60
CA ASN B 108 1.28 36.69 -11.88
C ASN B 108 1.06 36.94 -13.37
N LEU B 109 1.64 36.05 -14.18
CA LEU B 109 1.48 35.96 -15.62
C LEU B 109 0.14 35.28 -15.98
N VAL B 110 -0.95 35.98 -15.65
CA VAL B 110 -2.34 35.52 -15.74
C VAL B 110 -2.66 34.75 -17.04
N PRO B 111 -3.42 33.64 -16.96
CA PRO B 111 -3.43 32.57 -17.97
C PRO B 111 -3.89 33.02 -19.36
N GLY B 112 -3.39 32.37 -20.41
CA GLY B 112 -3.61 32.70 -21.82
C GLY B 112 -2.77 33.88 -22.35
N THR B 113 -2.14 34.67 -21.49
CA THR B 113 -1.50 35.95 -21.88
C THR B 113 -0.16 35.74 -22.57
N LYS B 114 0.06 36.42 -23.70
CA LYS B 114 1.39 36.64 -24.27
C LYS B 114 2.12 37.74 -23.49
N TYR B 115 3.27 37.44 -22.93
CA TYR B 115 4.17 38.40 -22.31
C TYR B 115 5.49 38.47 -23.05
N TYR B 116 5.96 39.67 -23.34
CA TYR B 116 7.36 39.88 -23.66
C TYR B 116 8.20 39.98 -22.38
N ILE B 117 9.44 39.52 -22.42
CA ILE B 117 10.43 39.60 -21.31
C ILE B 117 11.72 40.28 -21.79
N SER B 118 12.38 41.07 -20.93
CA SER B 118 13.58 41.85 -21.27
C SER B 118 14.43 42.23 -20.05
N TYR B 119 15.67 42.67 -20.25
CA TYR B 119 16.61 43.10 -19.21
C TYR B 119 17.20 44.49 -19.46
N LEU B 120 17.50 45.22 -18.40
CA LEU B 120 18.53 46.24 -18.36
C LEU B 120 19.44 45.96 -17.16
N VAL B 121 20.76 46.07 -17.30
CA VAL B 121 21.73 45.69 -16.26
C VAL B 121 22.88 46.69 -16.20
N THR B 122 23.56 46.80 -15.07
CA THR B 122 24.73 47.68 -14.93
C THR B 122 25.81 47.07 -14.04
N LYS B 123 27.06 47.43 -14.32
CA LYS B 123 28.29 46.97 -13.66
C LYS B 123 29.29 48.12 -13.79
N GLY B 124 29.64 48.78 -12.69
CA GLY B 124 30.22 50.12 -12.74
C GLY B 124 29.22 51.14 -13.31
N ALA B 125 29.70 52.22 -13.92
CA ALA B 125 28.88 53.14 -14.73
C ALA B 125 28.56 52.62 -16.14
N SER B 126 29.25 51.58 -16.61
CA SER B 126 28.88 50.79 -17.79
C SER B 126 27.53 50.07 -17.64
N THR B 127 26.93 49.75 -18.77
CA THR B 127 25.54 49.30 -18.91
C THR B 127 25.40 48.22 -19.98
N GLU B 128 24.30 47.47 -19.93
CA GLU B 128 24.04 46.31 -20.77
C GLU B 128 22.51 46.10 -20.89
N SER B 129 22.10 45.34 -21.89
CA SER B 129 20.74 45.35 -22.41
C SER B 129 20.42 44.09 -23.20
N SER B 130 19.15 43.87 -23.51
CA SER B 130 18.75 42.91 -24.52
C SER B 130 17.42 43.31 -25.16
N ARG B 131 17.15 42.82 -26.36
CA ARG B 131 15.88 42.99 -27.05
C ARG B 131 14.82 42.05 -26.46
N GLU B 132 13.55 42.46 -26.48
CA GLU B 132 12.46 41.65 -25.95
C GLU B 132 12.39 40.25 -26.60
N ILE B 133 11.87 39.26 -25.87
CA ILE B 133 11.38 38.02 -26.45
C ILE B 133 9.96 37.73 -25.96
N PRO B 134 9.03 37.37 -26.86
CA PRO B 134 7.68 36.96 -26.48
C PRO B 134 7.59 35.53 -25.95
N MET B 135 6.63 35.29 -25.05
CA MET B 135 6.28 34.02 -24.41
C MET B 135 4.78 33.97 -24.13
N SER B 136 4.14 32.80 -24.07
CA SER B 136 2.68 32.67 -23.85
C SER B 136 2.29 31.59 -22.84
N THR B 137 1.41 31.93 -21.89
CA THR B 137 0.99 31.05 -20.76
C THR B 137 -0.32 30.33 -21.07
N LEU B 138 -0.50 29.09 -20.63
CA LEU B 138 -1.68 28.32 -20.99
C LEU B 138 -2.99 28.94 -20.48
N PRO B 139 -4.12 28.76 -21.15
CA PRO B 139 -5.43 29.13 -20.63
C PRO B 139 -5.96 28.13 -19.58
N ARG B 140 -7.05 28.45 -18.89
CA ARG B 140 -7.84 27.51 -18.03
C ARG B 140 -8.89 26.69 -18.81
N ARG B 141 -9.16 25.46 -18.38
CA ARG B 141 -10.18 24.54 -18.95
C ARG B 141 -11.00 23.81 -17.88
N LYS B 142 -12.31 23.71 -18.04
CA LYS B 142 -13.25 23.18 -17.02
C LYS B 142 -13.33 21.65 -17.02
N ALA B 143 -13.27 21.04 -15.84
CA ALA B 143 -13.39 19.59 -15.64
C ALA B 143 -14.78 19.07 -16.00
N GLU B 144 -15.79 19.88 -15.73
CA GLU B 144 -17.17 19.68 -16.14
C GLU B 144 -17.40 20.04 -17.62
N ALA B 145 -16.45 20.69 -18.30
CA ALA B 145 -16.47 20.86 -19.76
C ALA B 145 -15.78 19.71 -20.50
N ILE B 146 -15.39 18.64 -19.81
CA ILE B 146 -15.08 17.36 -20.44
C ILE B 146 -16.37 16.76 -20.99
N GLY B 147 -16.75 17.15 -22.20
CA GLY B 147 -17.67 16.36 -23.00
C GLY B 147 -17.10 14.96 -23.12
N LEU B 148 -17.93 13.95 -22.89
CA LEU B 148 -17.49 12.57 -22.91
C LEU B 148 -16.88 12.29 -24.28
N GLY B 149 -15.58 12.03 -24.32
CA GLY B 149 -14.84 11.69 -25.54
C GLY B 149 -15.16 10.29 -26.09
N MET B 150 -16.39 9.81 -25.84
CA MET B 150 -16.85 8.47 -26.14
C MET B 150 -16.68 8.15 -27.62
N ALA B 151 -15.72 7.29 -27.93
CA ALA B 151 -15.35 6.89 -29.27
C ALA B 151 -15.31 5.35 -29.39
N PRO B 152 -16.42 4.68 -29.73
CA PRO B 152 -16.51 3.22 -29.75
C PRO B 152 -15.46 2.53 -30.59
N THR B 153 -14.87 1.47 -30.04
CA THR B 153 -14.04 0.55 -30.81
C THR B 153 -14.92 -0.40 -31.62
N GLY B 154 -14.36 -0.95 -32.70
CA GLY B 154 -15.00 -2.05 -33.41
C GLY B 154 -15.20 -3.28 -32.54
N GLY B 155 -14.45 -3.45 -31.45
CA GLY B 155 -14.62 -4.58 -30.53
C GLY B 155 -16.04 -4.64 -30.01
N MET B 156 -16.53 -3.56 -29.39
CA MET B 156 -17.91 -3.47 -28.90
C MET B 156 -18.89 -3.89 -29.99
N VAL B 157 -18.76 -3.24 -31.14
CA VAL B 157 -19.79 -3.21 -32.18
C VAL B 157 -19.82 -4.51 -32.96
N VAL B 158 -18.64 -5.06 -33.24
CA VAL B 158 -18.44 -6.43 -33.72
C VAL B 158 -19.02 -7.40 -32.70
N ILE B 159 -18.76 -7.24 -31.40
CA ILE B 159 -19.34 -8.19 -30.44
C ILE B 159 -20.87 -8.11 -30.51
N GLN B 160 -21.46 -6.94 -30.37
CA GLN B 160 -22.92 -6.75 -30.39
C GLN B 160 -23.57 -7.38 -31.62
N VAL B 161 -23.08 -7.09 -32.83
CA VAL B 161 -23.61 -7.66 -34.08
C VAL B 161 -23.47 -9.17 -34.14
N LEU B 162 -22.30 -9.73 -33.91
CA LEU B 162 -22.04 -11.12 -33.87
C LEU B 162 -22.91 -11.84 -32.87
N LEU B 163 -22.97 -11.37 -31.63
CA LEU B 163 -23.75 -12.04 -30.59
C LEU B 163 -25.25 -11.87 -30.82
N SER B 164 -25.76 -10.70 -31.23
CA SER B 164 -27.19 -10.59 -31.54
C SER B 164 -27.59 -11.56 -32.67
N VAL B 165 -26.72 -11.74 -33.67
CA VAL B 165 -26.91 -12.73 -34.73
C VAL B 165 -26.92 -14.15 -34.19
N ALA B 166 -25.98 -14.46 -33.30
CA ALA B 166 -25.94 -15.76 -32.65
C ALA B 166 -27.20 -16.01 -31.78
N MET B 167 -27.64 -15.05 -30.95
CA MET B 167 -28.89 -15.18 -30.20
C MET B 167 -30.06 -15.52 -31.13
N PHE B 168 -30.24 -14.74 -32.20
CA PHE B 168 -31.23 -14.91 -33.21
C PHE B 168 -31.20 -16.28 -33.79
N LEU B 169 -30.01 -16.75 -34.21
CA LEU B 169 -29.85 -18.05 -34.84
C LEU B 169 -30.17 -19.19 -33.88
N LEU B 170 -29.88 -19.04 -32.60
CA LEU B 170 -30.13 -20.12 -31.65
C LEU B 170 -31.59 -20.19 -31.28
N VAL B 171 -32.22 -19.04 -31.03
CA VAL B 171 -33.61 -18.95 -30.74
C VAL B 171 -34.44 -19.53 -31.86
N VAL B 172 -34.22 -19.11 -33.07
CA VAL B 172 -34.86 -19.56 -34.24
C VAL B 172 -34.65 -21.04 -34.44
N GLY B 173 -33.45 -21.51 -34.27
CA GLY B 173 -33.14 -22.85 -34.34
C GLY B 173 -33.83 -23.74 -33.38
N PHE B 174 -33.90 -23.29 -32.14
CA PHE B 174 -34.57 -24.01 -31.07
C PHE B 174 -36.06 -24.17 -31.36
N ILE B 175 -36.71 -23.10 -31.83
CA ILE B 175 -38.05 -23.04 -32.23
C ILE B 175 -38.33 -24.02 -33.33
N THR B 176 -37.50 -23.97 -34.37
CA THR B 176 -37.63 -24.84 -35.55
C THR B 176 -37.31 -26.32 -35.25
N ALA B 177 -36.39 -26.60 -34.34
CA ALA B 177 -36.12 -27.94 -33.86
C ALA B 177 -37.34 -28.54 -33.18
N LEU B 178 -37.90 -27.84 -32.18
CA LEU B 178 -39.06 -28.37 -31.47
C LEU B 178 -40.31 -28.46 -32.36
N ALA B 179 -40.49 -27.57 -33.35
CA ALA B 179 -41.46 -27.68 -34.37
C ALA B 179 -41.35 -28.99 -35.11
N LEU B 180 -40.16 -29.36 -35.58
CA LEU B 180 -39.99 -30.62 -36.31
C LEU B 180 -40.23 -31.84 -35.41
N GLY B 181 -39.67 -31.83 -34.20
CA GLY B 181 -39.85 -32.89 -33.21
C GLY B 181 -41.30 -33.10 -32.79
N ALA B 182 -42.15 -32.08 -32.82
CA ALA B 182 -43.53 -32.11 -32.53
C ALA B 182 -44.31 -33.07 -33.38
N ARG B 183 -43.88 -33.36 -34.57
CA ARG B 183 -44.46 -34.17 -35.57
C ARG B 183 -44.15 -35.65 -35.44
N LYS B 184 -43.20 -36.01 -34.54
CA LYS B 184 -42.61 -37.35 -34.29
C LYS B 184 -42.83 -37.85 -32.84
N VAL C 19 21.91 25.02 48.09
CA VAL C 19 20.59 25.31 47.53
C VAL C 19 20.27 24.32 46.42
N ASN C 20 19.13 23.63 46.45
CA ASN C 20 18.74 22.66 45.42
C ASN C 20 18.31 23.30 44.08
N LEU C 21 19.20 24.11 43.50
CA LEU C 21 19.05 24.67 42.18
C LEU C 21 19.37 23.58 41.17
N GLN C 22 18.58 22.51 41.04
CA GLN C 22 18.90 21.41 40.12
C GLN C 22 18.07 21.43 38.82
N PRO C 23 18.72 21.42 37.63
CA PRO C 23 18.12 21.15 36.32
C PRO C 23 17.40 19.81 36.25
N GLN C 24 16.56 19.60 35.24
CA GLN C 24 15.67 18.45 35.17
C GLN C 24 15.55 17.88 33.76
N LEU C 25 15.41 16.56 33.65
CA LEU C 25 14.91 15.93 32.43
C LEU C 25 13.54 16.51 32.09
N ALA C 26 13.31 16.89 30.83
CA ALA C 26 12.06 17.52 30.40
C ALA C 26 10.81 16.61 30.61
N SER C 27 9.69 17.19 31.04
CA SER C 27 8.61 16.47 31.69
C SER C 27 7.98 15.34 30.88
N VAL C 28 8.08 14.11 31.38
CA VAL C 28 7.67 12.85 30.71
C VAL C 28 6.18 12.75 30.38
N THR C 29 5.36 13.72 30.75
CA THR C 29 3.95 13.78 30.37
C THR C 29 3.73 13.92 28.85
N PHE C 30 4.63 14.63 28.15
CA PHE C 30 4.49 15.05 26.75
C PHE C 30 5.80 14.98 25.94
N ALA C 31 6.70 14.07 26.30
CA ALA C 31 7.98 13.87 25.64
C ALA C 31 8.35 12.39 25.64
N THR C 32 7.45 11.54 25.15
CA THR C 32 7.41 10.06 25.33
C THR C 32 8.71 9.32 24.98
N ASN C 33 9.52 9.82 24.05
CA ASN C 33 10.80 9.20 23.66
C ASN C 33 12.06 9.91 24.20
N ASN C 34 11.96 10.92 25.08
CA ASN C 34 12.98 11.97 25.21
C ASN C 34 14.46 11.58 25.23
N PRO C 35 14.97 10.74 26.16
CA PRO C 35 16.40 10.52 26.30
C PRO C 35 16.95 9.54 25.25
N THR C 36 16.95 9.88 23.96
CA THR C 36 17.36 8.95 22.90
C THR C 36 18.85 8.65 22.94
N LEU C 37 19.32 7.68 22.16
CA LEU C 37 20.69 7.13 22.24
C LEU C 37 21.80 8.16 22.29
N THR C 38 21.57 9.33 21.72
CA THR C 38 22.53 10.41 21.71
C THR C 38 21.98 11.75 22.17
N THR C 39 20.73 11.82 22.66
CA THR C 39 20.09 13.10 22.95
C THR C 39 19.24 13.10 24.20
N VAL C 40 19.10 14.27 24.81
CA VAL C 40 18.28 14.52 26.00
C VAL C 40 17.66 15.91 25.85
N ALA C 41 16.37 16.08 26.12
CA ALA C 41 15.77 17.40 26.32
C ALA C 41 15.69 17.73 27.79
N LEU C 42 15.99 18.97 28.12
CA LEU C 42 15.96 19.51 29.47
C LEU C 42 14.93 20.64 29.57
N GLU C 43 14.21 20.76 30.69
CA GLU C 43 13.52 22.02 31.01
C GLU C 43 14.51 23.18 30.97
N LYS C 44 14.10 24.36 30.55
CA LYS C 44 14.92 25.57 30.71
C LYS C 44 14.88 26.07 32.16
N PRO C 45 15.71 27.05 32.56
CA PRO C 45 15.76 27.59 33.91
C PRO C 45 14.55 28.50 34.26
N LEU C 46 13.31 28.00 34.10
CA LEU C 46 12.10 28.81 34.28
C LEU C 46 11.98 29.32 35.72
N CYS C 47 11.98 30.66 35.88
CA CYS C 47 12.01 31.40 37.15
C CYS C 47 13.26 31.15 38.02
N MET C 48 14.14 30.24 37.62
CA MET C 48 15.14 29.59 38.49
C MET C 48 16.16 30.56 39.07
N PHE C 49 16.65 31.49 38.28
CA PHE C 49 17.58 32.51 38.73
C PHE C 49 16.88 33.74 39.35
N ASP C 50 15.55 33.79 39.32
CA ASP C 50 14.79 35.03 39.48
C ASP C 50 13.78 35.03 40.63
N SER C 51 13.77 34.02 41.50
CA SER C 51 12.86 33.99 42.66
C SER C 51 13.09 35.16 43.62
N SER C 52 14.33 35.59 43.81
CA SER C 52 14.70 36.80 44.57
C SER C 52 14.80 38.07 43.70
N ALA C 53 14.10 38.09 42.57
CA ALA C 53 14.03 39.22 41.64
C ALA C 53 15.41 39.69 41.15
N ALA C 54 16.06 38.87 40.34
CA ALA C 54 17.34 39.13 39.72
C ALA C 54 17.24 39.96 38.41
N LEU C 55 16.08 39.94 37.75
CA LEU C 55 15.84 40.61 36.46
C LEU C 55 16.01 42.14 36.56
N HIS C 56 17.16 42.67 36.11
CA HIS C 56 17.49 44.11 36.14
C HIS C 56 18.19 44.62 34.86
N GLY C 57 18.27 43.80 33.82
CA GLY C 57 18.95 44.09 32.56
C GLY C 57 19.00 42.87 31.64
N THR C 58 19.77 42.96 30.56
CA THR C 58 20.00 41.82 29.66
C THR C 58 20.76 40.70 30.39
N TYR C 59 20.43 39.44 30.11
CA TYR C 59 21.09 38.26 30.67
C TYR C 59 21.10 37.09 29.70
N GLU C 60 22.13 36.25 29.75
CA GLU C 60 22.18 34.96 29.07
C GLU C 60 22.60 33.82 30.00
N VAL C 61 22.28 32.62 29.56
CA VAL C 61 22.51 31.37 30.23
C VAL C 61 23.33 30.46 29.35
N TYR C 62 24.28 29.76 29.95
CA TYR C 62 25.05 28.69 29.32
C TYR C 62 24.62 27.34 29.87
N LEU C 63 24.53 26.32 29.04
CA LEU C 63 24.53 24.94 29.51
C LEU C 63 25.93 24.38 29.36
N TYR C 64 26.43 23.73 30.39
CA TYR C 64 27.61 22.87 30.30
C TYR C 64 27.22 21.41 30.50
N VAL C 65 27.87 20.49 29.80
CA VAL C 65 27.70 19.05 29.95
C VAL C 65 29.01 18.43 30.46
N LEU C 66 28.89 17.41 31.31
CA LEU C 66 29.99 16.68 31.96
C LEU C 66 29.60 15.22 32.20
N VAL C 67 30.59 14.37 32.44
CA VAL C 67 30.45 12.91 32.61
C VAL C 67 31.20 12.47 33.87
N ASP C 68 30.77 11.39 34.54
CA ASP C 68 31.39 10.91 35.77
C ASP C 68 32.83 10.40 35.58
N SER C 69 33.80 10.95 36.34
CA SER C 69 35.16 10.42 36.52
C SER C 69 35.84 11.03 37.75
N ALA C 70 36.83 10.36 38.35
CA ALA C 70 37.45 10.77 39.60
C ALA C 70 38.07 12.19 39.60
N SER C 71 38.80 12.57 38.55
CA SER C 71 39.41 13.90 38.39
C SER C 71 38.41 15.02 38.05
N SER C 72 37.17 14.68 37.68
CA SER C 72 36.16 15.66 37.27
C SER C 72 35.73 16.62 38.38
N ARG C 73 36.08 16.36 39.65
CA ARG C 73 35.86 17.33 40.74
C ARG C 73 36.71 18.60 40.61
N ASN C 74 37.70 18.59 39.71
CA ASN C 74 38.37 19.82 39.28
C ASN C 74 37.61 20.59 38.17
N ALA C 75 36.34 20.28 37.88
CA ALA C 75 35.51 20.95 36.86
C ALA C 75 35.13 22.39 37.23
N SER C 76 36.11 23.29 37.23
CA SER C 76 35.94 24.71 37.52
C SER C 76 35.29 25.41 36.34
N VAL C 77 33.97 25.30 36.21
CA VAL C 77 33.16 25.88 35.12
C VAL C 77 33.41 27.37 34.91
N GLN C 78 33.93 28.09 35.90
CA GLN C 78 34.53 29.41 35.75
C GLN C 78 36.02 29.39 36.01
N ASP C 79 36.75 30.30 35.36
CA ASP C 79 38.10 30.64 35.79
C ASP C 79 38.07 31.26 37.19
N SER C 80 39.23 31.29 37.85
CA SER C 80 39.40 31.81 39.21
C SER C 80 38.97 33.27 39.37
N THR C 81 39.03 34.05 38.29
CA THR C 81 38.61 35.46 38.26
C THR C 81 37.13 35.65 37.87
N LYS C 82 36.34 34.55 37.85
CA LYS C 82 34.88 34.52 37.65
C LYS C 82 34.39 34.78 36.22
N THR C 83 35.23 34.53 35.20
CA THR C 83 34.82 34.50 33.78
C THR C 83 34.72 33.05 33.25
N PRO C 84 33.66 32.64 32.55
CA PRO C 84 33.37 31.23 32.31
C PRO C 84 34.43 30.52 31.45
N LEU C 85 34.49 29.18 31.55
CA LEU C 85 35.37 28.34 30.72
C LEU C 85 34.92 28.39 29.26
N SER C 86 35.87 28.55 28.33
CA SER C 86 35.60 28.52 26.90
C SER C 86 35.77 27.13 26.27
N SER C 87 35.41 26.09 27.00
CA SER C 87 35.67 24.71 26.66
C SER C 87 34.62 24.11 25.72
N THR C 88 35.07 23.19 24.86
CA THR C 88 34.30 22.63 23.73
C THR C 88 34.42 21.09 23.68
N PRO C 89 33.61 20.37 22.90
CA PRO C 89 33.63 18.91 22.88
C PRO C 89 34.97 18.32 22.42
N GLN C 90 35.74 19.04 21.61
CA GLN C 90 37.04 18.57 21.17
C GLN C 90 38.04 18.60 22.32
N GLU C 91 38.29 19.78 22.91
CA GLU C 91 39.29 19.95 23.97
C GLU C 91 38.93 19.23 25.28
N THR C 92 37.67 18.83 25.45
CA THR C 92 37.23 18.00 26.57
C THR C 92 37.06 16.53 26.22
N GLU C 93 37.34 16.10 25.00
CA GLU C 93 37.10 14.73 24.51
C GLU C 93 35.69 14.19 24.88
N GLY C 94 34.67 14.90 24.43
CA GLY C 94 33.28 14.53 24.69
C GLY C 94 32.79 14.80 26.10
N GLY C 95 33.57 15.56 26.90
CA GLY C 95 33.25 15.93 28.28
C GLY C 95 33.95 15.11 29.37
N ARG C 96 35.09 14.47 29.06
CA ARG C 96 35.88 13.64 29.99
C ARG C 96 36.90 14.47 30.77
N THR C 97 37.78 15.20 30.07
CA THR C 97 38.83 16.00 30.71
C THR C 97 38.36 17.38 31.14
N GLY C 98 37.06 17.66 31.05
CA GLY C 98 36.42 18.86 31.56
C GLY C 98 34.95 18.99 31.12
N PRO C 99 34.20 19.96 31.64
CA PRO C 99 32.86 20.29 31.16
C PRO C 99 32.93 21.14 29.88
N TYR C 100 31.93 21.11 28.99
CA TYR C 100 31.90 21.91 27.73
C TYR C 100 30.59 22.67 27.50
N LYS C 101 30.69 23.86 26.88
CA LYS C 101 29.64 24.89 26.71
C LYS C 101 28.55 24.55 25.68
N ALA C 102 27.83 23.44 25.86
CA ALA C 102 27.00 22.81 24.82
C ALA C 102 25.86 23.64 24.19
N ALA C 103 25.41 24.75 24.80
CA ALA C 103 24.36 25.64 24.26
C ALA C 103 24.35 27.00 24.99
N ALA C 104 23.66 28.01 24.44
CA ALA C 104 23.30 29.22 25.15
C ALA C 104 21.95 29.81 24.71
N PHE C 105 21.37 30.68 25.54
CA PHE C 105 20.11 31.41 25.33
C PHE C 105 19.96 32.59 26.33
N ASP C 106 18.98 33.47 26.11
CA ASP C 106 18.64 34.65 26.92
C ASP C 106 17.70 34.31 28.11
N LEU C 107 17.73 35.11 29.18
CA LEU C 107 16.92 34.89 30.39
C LEU C 107 15.42 35.15 30.18
N ALA C 108 14.60 34.11 30.28
CA ALA C 108 13.13 34.18 30.25
C ALA C 108 12.52 34.80 31.55
N PRO C 109 11.75 35.91 31.50
CA PRO C 109 11.23 36.61 32.70
C PRO C 109 10.06 35.98 33.49
N CYS C 110 9.99 34.65 33.59
CA CYS C 110 9.11 33.85 34.48
C CYS C 110 7.57 33.89 34.23
N SER C 111 6.98 35.00 33.80
CA SER C 111 5.52 35.08 33.64
C SER C 111 5.00 34.41 32.34
N ASP C 112 5.88 33.89 31.49
CA ASP C 112 5.56 33.40 30.13
C ASP C 112 4.89 32.02 30.09
N LEU C 113 5.27 31.13 31.00
CA LEU C 113 4.57 29.90 31.41
C LEU C 113 3.85 29.18 30.26
N PRO C 114 4.60 28.56 29.34
CA PRO C 114 4.04 27.86 28.19
C PRO C 114 2.99 26.83 28.60
N SER C 115 1.78 26.86 28.05
CA SER C 115 0.81 25.87 28.30
C SER C 115 1.06 24.61 27.52
N LEU C 116 1.53 23.55 28.19
CA LEU C 116 1.91 22.31 27.53
C LEU C 116 0.72 21.61 26.86
N ASP C 117 -0.50 21.93 27.25
CA ASP C 117 -1.73 21.50 26.71
C ASP C 117 -2.05 22.12 25.38
N ALA C 118 -1.86 23.38 25.22
CA ALA C 118 -2.15 24.19 24.09
C ALA C 118 -1.12 24.14 23.00
N VAL C 119 -0.01 23.41 23.19
CA VAL C 119 1.07 23.24 22.20
C VAL C 119 0.61 22.50 20.96
N ARG C 120 -0.65 22.08 20.94
CA ARG C 120 -1.34 21.58 19.75
C ARG C 120 -1.82 22.70 18.81
N ASP C 121 -1.71 23.98 19.17
CA ASP C 121 -1.87 25.07 18.20
C ASP C 121 -0.63 25.13 17.30
N VAL C 122 -0.74 24.56 16.10
CA VAL C 122 0.40 24.36 15.20
C VAL C 122 1.16 25.65 14.90
N SER C 123 0.54 26.83 15.06
CA SER C 123 1.13 28.10 14.89
C SER C 123 2.20 28.38 15.91
N GLN C 124 1.96 28.11 17.15
CA GLN C 124 2.72 28.41 18.30
C GLN C 124 3.68 27.35 18.77
N ALA C 125 3.54 26.14 18.20
CA ALA C 125 4.20 24.94 18.70
C ALA C 125 5.70 25.12 18.86
N SER C 126 6.37 25.54 17.79
CA SER C 126 7.81 25.78 17.82
C SER C 126 8.20 26.84 18.83
N GLU C 127 7.45 27.93 18.99
CA GLU C 127 7.88 28.95 19.94
C GLU C 127 7.62 28.52 21.38
N ILE C 128 6.58 27.74 21.63
CA ILE C 128 6.34 27.12 22.93
C ILE C 128 7.50 26.18 23.29
N LEU C 129 7.93 25.28 22.40
CA LEU C 129 9.09 24.42 22.66
C LEU C 129 10.33 25.26 22.90
N ASN C 130 10.60 26.25 22.05
CA ASN C 130 11.73 27.17 22.22
C ASN C 130 11.67 28.04 23.50
N ALA C 131 10.51 28.32 24.06
CA ALA C 131 10.38 28.97 25.35
C ALA C 131 10.58 27.98 26.53
N TYR C 132 10.10 26.75 26.38
CA TYR C 132 9.99 25.78 27.45
C TYR C 132 11.31 25.03 27.76
N LEU C 133 12.05 24.62 26.73
CA LEU C 133 13.10 23.60 26.85
C LEU C 133 14.35 23.95 26.04
N VAL C 134 15.39 23.14 26.23
CA VAL C 134 16.55 23.07 25.35
C VAL C 134 16.85 21.61 25.05
N ARG C 135 17.43 21.32 23.89
CA ARG C 135 17.76 19.96 23.47
C ARG C 135 19.26 19.78 23.35
N VAL C 136 19.77 18.69 23.91
CA VAL C 136 21.19 18.32 23.88
C VAL C 136 21.33 17.09 23.02
N GLY C 137 22.23 17.13 22.05
CA GLY C 137 22.56 16.03 21.13
C GLY C 137 22.24 16.28 19.65
N ILE C 138 21.77 17.46 19.26
CA ILE C 138 20.91 17.61 18.06
C ILE C 138 21.61 17.69 16.71
N ASN C 139 22.89 18.09 16.64
CA ASN C 139 23.48 18.60 15.39
C ASN C 139 24.64 17.74 14.87
N GLY C 140 24.32 16.62 14.23
CA GLY C 140 25.29 15.63 13.76
C GLY C 140 26.38 16.19 12.84
N THR C 141 26.11 17.32 12.18
CA THR C 141 27.06 17.96 11.25
C THR C 141 28.19 18.70 11.94
N CYS C 142 27.97 19.28 13.13
CA CYS C 142 28.76 20.45 13.54
C CYS C 142 30.21 20.16 13.92
N LEU C 143 30.60 18.90 14.17
CA LEU C 143 32.00 18.52 14.38
C LEU C 143 32.88 18.72 13.13
N SER C 144 32.28 18.63 11.92
CA SER C 144 33.02 18.63 10.66
C SER C 144 33.44 20.02 10.18
N ASP C 145 32.50 20.94 9.94
CA ASP C 145 32.75 22.10 9.09
C ASP C 145 33.82 23.07 9.62
N PRO C 146 34.95 23.27 8.91
CA PRO C 146 36.05 24.10 9.39
C PRO C 146 35.77 25.59 9.49
N ASN C 147 34.61 26.09 9.08
CA ASN C 147 34.19 27.48 9.26
C ASN C 147 32.97 27.65 10.17
N PHE C 148 32.27 26.59 10.59
CA PHE C 148 31.24 26.71 11.64
C PHE C 148 31.84 26.98 13.02
N ARG C 149 32.20 28.24 13.26
CA ARG C 149 32.77 28.76 14.51
C ARG C 149 31.68 29.02 15.56
N GLY C 150 30.82 28.03 15.78
CA GLY C 150 29.66 28.09 16.69
C GLY C 150 29.73 27.10 17.85
N LEU C 151 28.83 27.22 18.82
CA LEU C 151 28.77 26.30 19.96
C LEU C 151 28.20 24.96 19.49
N CYS C 152 29.06 23.98 19.24
CA CYS C 152 28.66 22.73 18.62
C CYS C 152 28.00 21.81 19.65
N ASN C 153 26.80 21.37 19.32
CA ASN C 153 25.95 20.49 20.10
C ASN C 153 25.91 19.11 19.42
N PRO C 154 27.02 18.36 19.41
CA PRO C 154 27.15 17.09 18.70
C PRO C 154 26.28 15.98 19.29
N PRO C 155 26.14 14.84 18.61
CA PRO C 155 25.49 13.67 19.18
C PRO C 155 26.23 13.21 20.43
N LEU C 156 25.54 13.06 21.55
CA LEU C 156 26.14 12.52 22.77
C LEU C 156 26.40 11.02 22.65
N SER C 157 27.46 10.52 23.28
CA SER C 157 27.78 9.10 23.27
C SER C 157 26.76 8.25 24.02
N ALA C 158 26.40 7.12 23.40
CA ALA C 158 25.62 6.05 23.99
C ALA C 158 26.13 5.59 25.37
N ALA C 159 25.29 4.92 26.15
CA ALA C 159 25.61 4.24 27.40
C ALA C 159 26.33 5.12 28.43
N THR C 160 26.14 6.43 28.33
CA THR C 160 26.81 7.40 29.18
C THR C 160 25.78 8.06 30.06
N GLU C 161 25.94 8.02 31.37
CA GLU C 161 25.19 8.91 32.23
C GLU C 161 25.80 10.31 32.14
N TYR C 162 25.00 11.30 31.78
CA TYR C 162 25.42 12.70 31.75
C TYR C 162 25.02 13.41 33.01
N ARG C 163 25.69 14.52 33.27
CA ARG C 163 25.25 15.56 34.21
C ARG C 163 25.33 16.92 33.53
N PHE C 164 24.43 17.79 33.92
CA PHE C 164 24.12 19.05 33.24
C PHE C 164 24.12 20.20 34.21
N LYS C 165 24.46 21.39 33.77
CA LYS C 165 24.51 22.56 34.65
C LYS C 165 24.25 23.85 33.87
N TYR C 166 23.15 24.54 34.16
CA TYR C 166 22.91 25.90 33.68
C TYR C 166 23.62 26.91 34.55
N VAL C 167 24.13 27.97 33.96
CA VAL C 167 24.87 29.05 34.63
C VAL C 167 24.40 30.38 34.09
N LEU C 168 24.31 31.42 34.91
CA LEU C 168 23.86 32.74 34.49
C LEU C 168 25.03 33.69 34.33
N VAL C 169 25.10 34.46 33.23
CA VAL C 169 26.19 35.41 32.95
C VAL C 169 25.73 36.86 32.84
N ASN C 170 26.29 37.76 33.65
CA ASN C 170 25.95 39.19 33.68
C ASN C 170 26.61 39.91 32.51
N ILE C 171 25.92 39.90 31.36
CA ILE C 171 26.37 40.36 30.04
C ILE C 171 26.90 41.81 30.02
N SER C 172 26.50 42.67 30.94
CA SER C 172 27.02 44.05 31.01
C SER C 172 28.45 44.15 31.56
N THR C 173 28.97 43.14 32.26
CA THR C 173 30.30 43.17 32.92
C THR C 173 31.12 41.90 32.71
N GLY C 174 30.49 40.79 32.29
CA GLY C 174 31.18 39.62 31.77
C GLY C 174 31.69 38.68 32.87
N LEU C 175 30.90 38.46 33.91
CA LEU C 175 31.19 37.54 35.02
C LEU C 175 30.02 36.54 35.17
N VAL C 176 30.29 35.29 35.60
CA VAL C 176 29.18 34.42 36.02
C VAL C 176 28.53 35.03 37.26
N GLN C 177 27.20 35.11 37.31
CA GLN C 177 26.50 35.72 38.43
C GLN C 177 26.21 34.69 39.52
N ASP C 178 25.59 33.58 39.15
CA ASP C 178 25.47 32.36 39.95
C ASP C 178 24.99 31.23 39.03
N GLN C 179 24.62 30.08 39.57
CA GLN C 179 24.64 28.83 38.84
C GLN C 179 23.77 27.76 39.48
N THR C 180 23.47 26.71 38.73
CA THR C 180 22.88 25.50 39.27
C THR C 180 23.88 24.53 39.87
N LEU C 181 23.37 23.57 40.64
CA LEU C 181 24.08 22.33 40.95
C LEU C 181 23.98 21.36 39.76
N TRP C 182 24.96 20.48 39.61
CA TRP C 182 24.90 19.42 38.63
C TRP C 182 23.66 18.53 38.82
N SER C 183 23.05 18.13 37.73
CA SER C 183 21.91 17.21 37.72
C SER C 183 22.22 15.85 38.34
N ASP C 184 21.20 15.21 38.89
CA ASP C 184 21.16 13.75 39.06
C ASP C 184 21.42 13.06 37.72
N PRO C 185 22.01 11.85 37.71
CA PRO C 185 22.54 11.26 36.50
C PRO C 185 21.40 10.90 35.53
N VAL C 186 21.54 11.36 34.28
CA VAL C 186 20.60 11.08 33.20
C VAL C 186 21.23 10.06 32.27
N CYS C 187 20.55 8.94 32.07
CA CYS C 187 21.01 7.81 31.29
C CYS C 187 20.38 7.86 29.89
N THR C 188 21.17 7.71 28.83
CA THR C 188 20.64 7.53 27.48
C THR C 188 19.79 6.27 27.42
N ASN C 189 18.91 6.16 26.43
CA ASN C 189 18.45 4.83 26.04
C ASN C 189 19.66 3.94 25.75
N GLN C 190 19.53 2.64 25.93
CA GLN C 190 20.59 1.66 25.62
C GLN C 190 20.06 0.36 25.06
N LEU C 191 20.85 -0.28 24.21
CA LEU C 191 20.29 -1.16 23.20
C LEU C 191 20.39 -2.62 23.56
N THR C 192 19.27 -3.32 23.47
CA THR C 192 19.32 -4.76 23.22
C THR C 192 19.80 -5.00 21.79
N PRO C 193 20.81 -5.86 21.55
CA PRO C 193 21.15 -6.33 20.22
C PRO C 193 20.02 -7.19 19.66
N TYR C 194 19.63 -6.98 18.40
CA TYR C 194 18.33 -7.45 17.91
C TYR C 194 18.18 -8.98 17.82
N SER C 195 19.27 -9.71 17.80
CA SER C 195 19.26 -11.18 17.85
C SER C 195 18.79 -11.72 19.20
N ALA C 196 18.80 -10.92 20.28
CA ALA C 196 18.33 -11.36 21.59
C ALA C 196 16.81 -11.62 21.68
N ILE C 197 16.01 -11.05 20.76
CA ILE C 197 14.55 -11.17 20.76
C ILE C 197 14.13 -12.60 20.44
N ASP C 198 13.91 -13.42 21.46
CA ASP C 198 13.54 -14.80 21.26
C ASP C 198 12.26 -14.91 20.43
N THR C 199 12.40 -15.35 19.20
CA THR C 199 11.31 -15.40 18.23
C THR C 199 10.55 -16.72 18.28
N TRP C 200 10.77 -17.49 19.33
CA TRP C 200 9.86 -18.57 19.71
C TRP C 200 8.73 -18.02 20.60
N PRO C 201 7.53 -18.64 20.64
CA PRO C 201 6.46 -18.19 21.53
C PRO C 201 6.46 -18.84 22.92
N GLY C 202 7.04 -20.04 23.11
CA GLY C 202 6.89 -20.86 24.33
C GLY C 202 5.49 -21.45 24.52
N ARG C 203 4.51 -20.56 24.58
CA ARG C 203 3.08 -20.79 24.50
C ARG C 203 2.71 -21.72 23.33
N ARG C 204 1.62 -22.47 23.49
CA ARG C 204 0.88 -23.10 22.38
C ARG C 204 -0.56 -22.60 22.38
N SER C 205 -1.17 -22.45 21.21
CA SER C 205 -2.43 -21.71 21.03
C SER C 205 -3.59 -22.23 21.86
N GLY C 206 -3.92 -23.49 21.64
CA GLY C 206 -5.17 -24.14 22.03
C GLY C 206 -5.65 -24.94 20.83
N GLY C 207 -5.93 -24.22 19.75
CA GLY C 207 -6.36 -24.78 18.48
C GLY C 207 -5.35 -25.73 17.84
N MET C 208 -4.06 -25.37 17.74
CA MET C 208 -3.05 -26.27 17.17
C MET C 208 -3.14 -27.66 17.78
N ILE C 209 -3.18 -27.72 19.11
CA ILE C 209 -3.13 -28.95 19.87
C ILE C 209 -4.37 -29.80 19.65
N VAL C 210 -5.55 -29.19 19.57
CA VAL C 210 -6.78 -29.94 19.26
C VAL C 210 -6.76 -30.42 17.81
N ILE C 211 -6.30 -29.58 16.88
CA ILE C 211 -6.33 -29.89 15.45
C ILE C 211 -5.33 -31.02 15.13
N THR C 212 -4.07 -30.88 15.55
CA THR C 212 -3.06 -31.94 15.44
C THR C 212 -3.53 -33.26 16.04
N SER C 213 -4.02 -33.26 17.29
CA SER C 213 -4.43 -34.49 17.99
C SER C 213 -5.68 -35.16 17.40
N ILE C 214 -6.73 -34.40 17.10
CA ILE C 214 -7.92 -34.97 16.47
C ILE C 214 -7.63 -35.37 15.03
N LEU C 215 -7.06 -34.51 14.18
CA LEU C 215 -6.88 -34.86 12.77
C LEU C 215 -5.80 -35.92 12.50
N GLY C 216 -4.95 -36.27 13.48
CA GLY C 216 -4.17 -37.39 13.51
C GLY C 216 -4.80 -38.65 13.92
N SER C 217 -5.77 -38.60 14.76
CA SER C 217 -6.62 -39.63 15.23
C SER C 217 -7.57 -40.17 14.18
N LEU C 218 -8.24 -39.25 13.47
CA LEU C 218 -9.29 -39.53 12.50
C LEU C 218 -8.87 -40.51 11.41
N PRO C 219 -7.67 -40.38 10.82
CA PRO C 219 -7.22 -41.29 9.77
C PRO C 219 -7.21 -42.74 10.16
N PHE C 220 -6.76 -43.07 11.32
CA PHE C 220 -6.68 -44.37 11.86
C PHE C 220 -8.03 -45.03 11.92
N PHE C 221 -9.02 -44.36 12.43
CA PHE C 221 -10.37 -44.78 12.49
C PHE C 221 -10.95 -45.04 11.13
N LEU C 222 -10.68 -44.16 10.17
CA LEU C 222 -11.13 -44.36 8.79
C LEU C 222 -10.56 -45.64 8.21
N LEU C 223 -9.27 -45.89 8.42
CA LEU C 223 -8.59 -47.06 8.05
C LEU C 223 -9.24 -48.30 8.62
N VAL C 224 -9.52 -48.29 9.88
CA VAL C 224 -10.17 -49.31 10.61
C VAL C 224 -11.50 -49.65 10.02
N GLY C 225 -12.31 -48.67 9.77
CA GLY C 225 -13.54 -48.79 9.18
C GLY C 225 -13.57 -49.32 7.80
N PHE C 226 -12.66 -48.90 6.98
CA PHE C 226 -12.43 -49.35 5.66
C PHE C 226 -12.09 -50.82 5.64
N ALA C 227 -11.19 -51.25 6.46
CA ALA C 227 -10.81 -52.60 6.66
C ALA C 227 -11.97 -53.45 7.08
N GLY C 228 -12.76 -52.99 7.99
CA GLY C 228 -13.93 -53.60 8.38
C GLY C 228 -14.96 -53.78 7.34
N ALA C 229 -15.11 -52.83 6.48
CA ALA C 229 -15.88 -52.85 5.30
C ALA C 229 -15.45 -53.96 4.38
N ILE C 230 -14.18 -54.08 4.14
CA ILE C 230 -13.55 -55.11 3.40
C ILE C 230 -13.94 -56.46 3.94
N VAL C 231 -13.79 -56.59 5.25
CA VAL C 231 -14.07 -57.87 5.92
C VAL C 231 -15.54 -58.23 5.79
N LEU C 232 -16.43 -57.32 5.98
CA LEU C 232 -17.84 -57.46 5.87
C LEU C 232 -18.26 -57.91 4.50
N SER C 233 -17.72 -57.22 3.49
CA SER C 233 -18.01 -57.56 2.10
C SER C 233 -17.48 -58.94 1.73
N LEU C 234 -16.31 -59.32 2.22
CA LEU C 234 -15.82 -60.68 2.04
C LEU C 234 -16.68 -61.72 2.74
N MET C 235 -17.21 -61.40 3.92
CA MET C 235 -18.11 -62.32 4.61
C MET C 235 -19.34 -62.60 3.77
N ASP C 236 -19.88 -61.55 3.18
CA ASP C 236 -21.16 -61.53 2.45
C ASP C 236 -21.09 -60.44 1.37
N THR D 7 -36.46 -46.55 6.73
CA THR D 7 -36.07 -47.73 6.04
C THR D 7 -34.73 -47.54 5.38
N VAL D 8 -34.27 -48.46 4.60
CA VAL D 8 -33.13 -48.38 3.76
C VAL D 8 -33.19 -47.11 2.94
N ARG D 9 -34.34 -46.74 2.51
CA ARG D 9 -34.62 -45.55 1.79
C ARG D 9 -34.30 -44.32 2.60
N CYS D 10 -34.65 -44.30 3.85
CA CYS D 10 -34.35 -43.30 4.80
C CYS D 10 -32.85 -43.17 4.99
N PHE D 11 -32.15 -44.25 5.07
CA PHE D 11 -30.75 -44.36 5.14
C PHE D 11 -30.09 -43.70 3.95
N GLN D 12 -30.54 -43.99 2.78
CA GLN D 12 -30.16 -43.42 1.54
C GLN D 12 -30.34 -41.93 1.54
N SER D 13 -31.45 -41.45 1.99
CA SER D 13 -31.79 -40.10 2.17
C SER D 13 -30.78 -39.38 3.01
N LEU D 14 -30.45 -39.96 4.18
CA LEU D 14 -29.46 -39.41 5.10
C LEU D 14 -28.10 -39.26 4.40
N LEU D 15 -27.68 -40.29 3.66
CA LEU D 15 -26.47 -40.34 2.94
C LEU D 15 -26.38 -39.25 1.90
N VAL D 16 -27.36 -39.08 1.09
CA VAL D 16 -27.45 -38.15 0.04
C VAL D 16 -27.44 -36.73 0.57
N PHE D 17 -28.11 -36.50 1.71
CA PHE D 17 -28.15 -35.20 2.38
C PHE D 17 -26.76 -34.79 2.91
N GLY D 18 -26.06 -35.71 3.56
CA GLY D 18 -24.69 -35.46 3.98
C GLY D 18 -23.79 -35.19 2.78
N ASN D 19 -23.99 -35.87 1.65
CA ASN D 19 -23.22 -35.70 0.48
C ASN D 19 -23.41 -34.33 -0.14
N VAL D 20 -24.62 -33.87 -0.21
CA VAL D 20 -25.00 -32.57 -0.60
C VAL D 20 -24.28 -31.54 0.23
N ILE D 21 -24.27 -31.72 1.56
CA ILE D 21 -23.52 -30.83 2.47
C ILE D 21 -22.02 -30.86 2.14
N ILE D 22 -21.47 -32.04 1.86
CA ILE D 22 -20.07 -32.18 1.47
C ILE D 22 -19.76 -31.34 0.23
N GLY D 23 -20.62 -31.35 -0.79
CA GLY D 23 -20.45 -30.57 -1.92
C GLY D 23 -20.49 -29.11 -1.72
N MET D 24 -21.50 -28.64 -1.00
CA MET D 24 -21.62 -27.21 -0.68
C MET D 24 -20.44 -26.71 0.17
N CYS D 25 -19.92 -27.55 1.06
CA CYS D 25 -18.66 -27.25 1.73
C CYS D 25 -17.51 -27.13 0.74
N GLY D 26 -17.39 -28.02 -0.25
CA GLY D 26 -16.34 -27.93 -1.27
C GLY D 26 -16.31 -26.57 -1.96
N ILE D 27 -17.48 -26.07 -2.36
CA ILE D 27 -17.61 -24.76 -3.02
C ILE D 27 -17.27 -23.62 -2.06
N ALA D 28 -17.85 -23.61 -0.86
CA ALA D 28 -17.65 -22.54 0.10
C ALA D 28 -16.21 -22.50 0.64
N LEU D 29 -15.58 -23.65 0.78
CA LEU D 29 -14.14 -23.79 1.01
C LEU D 29 -13.35 -23.22 -0.17
N THR D 30 -13.70 -23.58 -1.40
CA THR D 30 -13.04 -23.03 -2.59
C THR D 30 -13.10 -21.51 -2.57
N ALA D 31 -14.28 -20.94 -2.32
CA ALA D 31 -14.46 -19.49 -2.23
C ALA D 31 -13.59 -18.83 -1.15
N GLU D 32 -13.61 -19.36 0.07
CA GLU D 32 -12.76 -18.92 1.19
C GLU D 32 -11.28 -18.96 0.83
N CYS D 33 -10.85 -20.05 0.22
CA CYS D 33 -9.47 -20.22 -0.20
C CYS D 33 -9.07 -19.12 -1.14
N ILE D 34 -9.86 -18.90 -2.19
CA ILE D 34 -9.62 -17.83 -3.14
C ILE D 34 -9.55 -16.47 -2.43
N PHE D 35 -10.43 -16.22 -1.45
CA PHE D 35 -10.41 -14.99 -0.67
C PHE D 35 -9.04 -14.77 -0.02
N PHE D 36 -8.44 -15.78 0.61
CA PHE D 36 -7.13 -15.61 1.22
C PHE D 36 -5.95 -15.71 0.23
N VAL D 37 -6.00 -16.68 -0.70
CA VAL D 37 -5.02 -16.85 -1.78
C VAL D 37 -4.88 -15.58 -2.61
N SER D 38 -5.89 -14.71 -2.61
CA SER D 38 -5.83 -13.39 -3.21
C SER D 38 -4.63 -12.55 -2.78
N ASP D 39 -3.97 -12.85 -1.64
CA ASP D 39 -2.85 -12.04 -1.12
C ASP D 39 -3.35 -10.58 -1.00
N GLN D 40 -4.40 -10.46 -0.18
CA GLN D 40 -5.44 -9.45 -0.30
C GLN D 40 -5.02 -8.00 -0.06
N TYR D 41 -4.08 -7.77 0.85
CA TYR D 41 -3.39 -6.49 1.11
C TYR D 41 -1.89 -6.75 0.96
N SER D 42 -1.59 -7.53 -0.06
CA SER D 42 -0.43 -8.42 -0.14
C SER D 42 -0.36 -9.34 1.07
N LEU D 43 0.62 -9.13 1.95
CA LEU D 43 1.07 -9.96 3.07
C LEU D 43 1.96 -11.17 2.69
N TYR D 44 2.07 -11.55 1.41
CA TYR D 44 3.26 -12.23 0.89
C TYR D 44 4.54 -11.59 1.46
N PRO D 45 4.76 -10.26 1.46
CA PRO D 45 6.06 -9.71 1.83
C PRO D 45 6.48 -9.95 3.28
N LEU D 46 5.53 -10.02 4.23
CA LEU D 46 5.87 -10.32 5.63
C LEU D 46 6.04 -11.82 5.90
N LEU D 47 5.57 -12.70 5.01
CA LEU D 47 5.55 -14.14 5.25
C LEU D 47 6.52 -14.96 4.37
N GLU D 48 6.79 -14.51 3.14
CA GLU D 48 7.88 -15.03 2.31
C GLU D 48 9.25 -14.71 2.90
N ALA D 49 9.30 -13.76 3.83
CA ALA D 49 10.47 -13.41 4.63
C ALA D 49 11.03 -14.54 5.54
N THR D 50 10.28 -15.60 5.80
CA THR D 50 10.66 -16.63 6.79
C THR D 50 10.22 -18.03 6.35
N ASP D 51 9.79 -18.17 5.09
CA ASP D 51 9.05 -19.33 4.58
C ASP D 51 7.87 -19.71 5.48
N ASN D 52 7.22 -18.68 6.01
CA ASN D 52 6.05 -18.71 6.88
C ASN D 52 4.76 -18.71 6.04
N ASP D 53 4.65 -19.61 5.06
CA ASP D 53 3.64 -19.55 4.00
C ASP D 53 2.53 -20.62 4.09
N ASP D 54 2.52 -21.47 5.12
CA ASP D 54 1.60 -22.61 5.24
C ASP D 54 0.13 -22.23 5.32
N ILE D 55 -0.21 -21.04 5.80
CA ILE D 55 -1.58 -20.55 5.67
C ILE D 55 -2.01 -20.50 4.19
N TYR D 56 -1.20 -19.92 3.32
CA TYR D 56 -1.48 -19.91 1.88
C TYR D 56 -1.36 -21.31 1.28
N GLY D 57 -0.35 -22.08 1.66
CA GLY D 57 -0.16 -23.44 1.14
C GLY D 57 -1.36 -24.35 1.43
N ALA D 58 -1.87 -24.26 2.66
CA ALA D 58 -3.11 -24.88 3.07
C ALA D 58 -4.27 -24.40 2.19
N ALA D 59 -4.38 -23.08 1.98
CA ALA D 59 -5.46 -22.55 1.14
C ALA D 59 -5.39 -23.07 -0.31
N TRP D 60 -4.20 -23.16 -0.92
CA TRP D 60 -4.06 -23.68 -2.28
C TRP D 60 -4.59 -25.10 -2.40
N ILE D 61 -4.25 -25.92 -1.43
CA ILE D 61 -4.71 -27.23 -1.18
C ILE D 61 -6.19 -27.25 -1.00
N GLY D 62 -6.69 -26.23 -0.30
CA GLY D 62 -8.10 -25.96 -0.12
C GLY D 62 -8.85 -25.70 -1.44
N ILE D 63 -8.23 -25.02 -2.41
CA ILE D 63 -8.84 -24.82 -3.72
C ILE D 63 -9.07 -26.16 -4.42
N PHE D 64 -8.03 -26.97 -4.60
CA PHE D 64 -8.18 -28.19 -5.40
C PHE D 64 -8.95 -29.29 -4.67
N VAL D 65 -8.82 -29.44 -3.35
CA VAL D 65 -9.73 -30.34 -2.63
C VAL D 65 -11.15 -29.80 -2.72
N GLY D 66 -11.39 -28.49 -2.73
CA GLY D 66 -12.72 -27.90 -2.82
C GLY D 66 -13.48 -28.30 -4.09
N ILE D 67 -12.81 -28.20 -5.25
CA ILE D 67 -13.31 -28.75 -6.52
C ILE D 67 -13.45 -30.28 -6.44
N CYS D 68 -12.45 -30.98 -5.89
CA CYS D 68 -12.39 -32.39 -5.81
C CYS D 68 -13.55 -32.96 -5.04
N LEU D 69 -13.85 -32.36 -3.88
CA LEU D 69 -14.93 -32.74 -2.96
C LEU D 69 -16.28 -32.56 -3.61
N PHE D 70 -16.45 -31.48 -4.38
CA PHE D 70 -17.67 -31.27 -5.15
C PHE D 70 -17.89 -32.45 -6.10
N CYS D 71 -16.93 -32.75 -6.96
CA CYS D 71 -17.05 -33.87 -7.91
C CYS D 71 -17.27 -35.21 -7.20
N LEU D 72 -16.59 -35.49 -6.10
CA LEU D 72 -16.72 -36.69 -5.37
C LEU D 72 -18.07 -36.84 -4.73
N SER D 73 -18.67 -35.80 -4.25
CA SER D 73 -19.97 -35.77 -3.70
C SER D 73 -21.00 -36.27 -4.66
N VAL D 74 -21.03 -35.68 -5.87
CA VAL D 74 -21.97 -36.06 -6.92
C VAL D 74 -21.70 -37.48 -7.35
N LEU D 75 -20.42 -37.89 -7.37
CA LEU D 75 -20.01 -39.21 -7.56
C LEU D 75 -20.69 -40.14 -6.58
N GLY D 76 -20.75 -39.77 -5.34
CA GLY D 76 -21.34 -40.50 -4.34
C GLY D 76 -22.79 -40.71 -4.44
N ILE D 77 -23.54 -39.69 -4.71
CA ILE D 77 -24.92 -39.73 -5.01
C ILE D 77 -25.19 -40.67 -6.15
N VAL D 78 -24.40 -40.52 -7.21
CA VAL D 78 -24.51 -41.34 -8.43
C VAL D 78 -24.31 -42.80 -8.10
N GLY D 79 -23.34 -43.16 -7.26
CA GLY D 79 -23.07 -44.44 -6.84
C GLY D 79 -24.10 -45.08 -5.99
N ILE D 80 -24.56 -44.41 -4.99
CA ILE D 80 -25.59 -44.80 -4.09
C ILE D 80 -26.85 -45.12 -4.85
N MET D 81 -27.29 -44.24 -5.67
CA MET D 81 -28.38 -44.38 -6.57
C MET D 81 -28.23 -45.54 -7.51
N LYS D 82 -27.09 -45.61 -8.20
CA LYS D 82 -26.79 -46.71 -9.14
C LYS D 82 -26.60 -48.04 -8.43
N SER D 83 -26.19 -48.07 -7.16
CA SER D 83 -26.01 -49.24 -6.41
C SER D 83 -24.93 -50.13 -6.99
N ASN D 84 -23.84 -49.61 -7.43
CA ASN D 84 -22.71 -50.21 -8.05
C ASN D 84 -21.56 -50.31 -7.10
N ARG D 85 -21.05 -51.46 -6.78
CA ARG D 85 -20.02 -51.74 -5.86
C ARG D 85 -18.73 -51.03 -6.22
N LYS D 86 -18.35 -51.15 -7.49
CA LYS D 86 -17.08 -50.58 -7.94
C LYS D 86 -17.09 -49.06 -7.87
N ILE D 87 -18.16 -48.41 -8.18
CA ILE D 87 -18.35 -47.01 -8.10
C ILE D 87 -18.08 -46.53 -6.70
N LEU D 88 -18.70 -47.11 -5.74
CA LEU D 88 -18.54 -46.87 -4.36
C LEU D 88 -17.11 -47.04 -3.94
N LEU D 89 -16.45 -48.07 -4.38
CA LEU D 89 -15.11 -48.40 -4.10
C LEU D 89 -14.16 -47.30 -4.50
N VAL D 90 -14.20 -46.89 -5.74
CA VAL D 90 -13.45 -45.84 -6.31
C VAL D 90 -13.70 -44.54 -5.58
N TYR D 91 -14.92 -44.25 -5.30
CA TYR D 91 -15.41 -43.16 -4.53
C TYR D 91 -14.75 -43.07 -3.19
N PHE D 92 -14.69 -44.16 -2.48
CA PHE D 92 -14.03 -44.35 -1.25
C PHE D 92 -12.58 -43.96 -1.34
N ILE D 93 -11.86 -44.51 -2.27
CA ILE D 93 -10.48 -44.31 -2.49
C ILE D 93 -10.16 -42.86 -2.70
N LEU D 94 -10.83 -42.23 -3.62
CA LEU D 94 -10.69 -40.88 -3.99
C LEU D 94 -10.90 -39.95 -2.83
N MET D 95 -12.02 -40.13 -2.15
CA MET D 95 -12.30 -39.30 -0.99
C MET D 95 -11.26 -39.48 0.10
N PHE D 96 -10.70 -40.67 0.30
CA PHE D 96 -9.67 -40.98 1.20
C PHE D 96 -8.46 -40.13 0.94
N ILE D 97 -8.02 -40.07 -0.27
CA ILE D 97 -6.95 -39.27 -0.75
C ILE D 97 -7.18 -37.81 -0.44
N VAL D 98 -8.32 -37.31 -0.89
CA VAL D 98 -8.70 -35.91 -0.70
C VAL D 98 -8.78 -35.56 0.79
N TYR D 99 -9.27 -36.49 1.60
CA TYR D 99 -9.32 -36.38 3.05
C TYR D 99 -7.92 -36.15 3.61
N GLY D 100 -6.92 -36.94 3.21
CA GLY D 100 -5.61 -36.74 3.56
C GLY D 100 -5.04 -35.40 3.25
N PHE D 101 -5.26 -34.93 2.00
CA PHE D 101 -4.77 -33.61 1.60
C PHE D 101 -5.39 -32.48 2.42
N GLU D 102 -6.69 -32.53 2.71
CA GLU D 102 -7.25 -31.46 3.56
C GLU D 102 -6.85 -31.62 5.03
N VAL D 103 -6.68 -32.85 5.55
CA VAL D 103 -6.04 -33.08 6.86
C VAL D 103 -4.71 -32.32 6.92
N ALA D 104 -3.92 -32.37 5.85
CA ALA D 104 -2.65 -31.76 5.69
C ALA D 104 -2.76 -30.26 5.71
N SER D 105 -3.66 -29.69 4.90
CA SER D 105 -3.97 -28.24 4.87
C SER D 105 -4.41 -27.70 6.22
N CYS D 106 -5.36 -28.37 6.86
CA CYS D 106 -5.83 -28.03 8.20
C CYS D 106 -4.67 -27.87 9.16
N ILE D 107 -3.84 -28.93 9.21
CA ILE D 107 -2.81 -29.03 10.24
C ILE D 107 -1.70 -28.02 9.97
N THR D 108 -1.35 -27.82 8.70
CA THR D 108 -0.28 -26.91 8.25
C THR D 108 -0.62 -25.45 8.53
N ALA D 109 -1.85 -25.01 8.25
CA ALA D 109 -2.30 -23.70 8.72
C ALA D 109 -2.28 -23.61 10.25
N ALA D 110 -2.88 -24.60 10.93
CA ALA D 110 -2.96 -24.63 12.38
C ALA D 110 -1.59 -24.62 13.07
N THR D 111 -0.61 -25.31 12.52
CA THR D 111 0.73 -25.38 13.07
C THR D 111 1.43 -24.04 12.92
N GLN D 112 1.18 -23.35 11.82
CA GLN D 112 1.90 -22.12 11.54
C GLN D 112 1.55 -21.00 12.50
N ARG D 113 0.26 -20.73 12.68
CA ARG D 113 -0.12 -19.42 13.20
C ARG D 113 0.36 -19.12 14.63
N ASP D 114 0.72 -20.11 15.47
CA ASP D 114 1.09 -19.80 16.86
C ASP D 114 2.31 -18.86 16.92
N PHE D 115 3.13 -18.83 15.86
CA PHE D 115 4.38 -18.08 15.75
C PHE D 115 4.18 -16.60 15.39
N PHE D 116 3.04 -16.24 14.81
CA PHE D 116 2.66 -14.84 14.61
C PHE D 116 2.63 -14.19 15.98
N THR D 117 3.55 -13.26 16.23
CA THR D 117 3.76 -12.73 17.57
C THR D 117 4.35 -11.34 17.49
N PRO D 118 4.18 -10.51 18.52
CA PRO D 118 4.86 -9.22 18.63
C PRO D 118 6.38 -9.32 18.65
N ASN D 119 6.93 -10.52 18.79
CA ASN D 119 8.35 -10.78 18.65
C ASN D 119 8.72 -10.94 17.17
N LEU D 120 8.09 -11.89 16.46
CA LEU D 120 8.43 -12.22 15.07
C LEU D 120 8.45 -11.00 14.16
N PHE D 121 7.38 -10.23 14.19
CA PHE D 121 7.29 -9.03 13.36
C PHE D 121 8.22 -7.91 13.86
N LEU D 122 8.67 -7.94 15.11
CA LEU D 122 9.68 -7.01 15.60
C LEU D 122 11.09 -7.41 15.17
N LYS D 123 11.34 -8.71 14.99
CA LYS D 123 12.60 -9.19 14.37
C LYS D 123 12.71 -8.68 12.94
N GLN D 124 11.77 -9.01 12.07
CA GLN D 124 11.84 -8.64 10.65
C GLN D 124 11.95 -7.12 10.46
N MET D 125 11.33 -6.32 11.30
CA MET D 125 11.43 -4.87 11.24
C MET D 125 12.81 -4.34 11.66
N LEU D 126 13.39 -4.84 12.75
CA LEU D 126 14.71 -4.42 13.18
C LEU D 126 15.80 -4.88 12.21
N GLU D 127 15.62 -6.03 11.58
CA GLU D 127 16.61 -6.63 10.70
C GLU D 127 16.58 -6.09 9.27
N ARG D 128 15.40 -5.88 8.68
CA ARG D 128 15.22 -5.85 7.22
C ARG D 128 14.66 -4.56 6.64
N TYR D 129 14.58 -3.50 7.41
CA TYR D 129 13.98 -2.25 6.96
C TYR D 129 15.07 -1.22 6.67
N GLN D 130 15.04 -0.58 5.49
CA GLN D 130 15.97 0.49 5.10
C GLN D 130 17.47 0.08 5.09
N ASN D 131 17.74 -1.16 4.66
CA ASN D 131 18.97 -1.88 4.95
C ASN D 131 20.22 -1.30 4.25
N ASN D 132 20.28 -1.34 2.92
CA ASN D 132 21.41 -0.87 2.10
C ASN D 132 22.76 -1.58 2.33
N SER D 133 22.76 -2.82 2.80
CA SER D 133 23.90 -3.73 2.72
C SER D 133 23.53 -5.24 2.79
N PRO D 134 22.49 -5.75 2.11
CA PRO D 134 22.19 -7.19 2.12
C PRO D 134 23.29 -8.03 1.44
N PRO D 135 23.47 -9.29 1.86
CA PRO D 135 24.59 -10.13 1.41
C PRO D 135 24.39 -10.79 0.05
N SER D 136 23.15 -11.02 -0.38
CA SER D 136 22.79 -11.90 -1.49
C SER D 136 21.46 -11.49 -2.14
N ASN D 137 21.21 -11.87 -3.39
CA ASN D 137 20.06 -11.44 -4.19
C ASN D 137 18.71 -11.67 -3.49
N ASP D 138 18.37 -12.91 -3.12
CA ASP D 138 17.11 -13.17 -2.45
C ASP D 138 17.03 -12.55 -1.05
N ASP D 139 18.15 -12.20 -0.44
CA ASP D 139 18.15 -11.35 0.75
C ASP D 139 17.75 -9.91 0.42
N LYS D 140 18.23 -9.33 -0.69
CA LYS D 140 17.74 -8.04 -1.21
C LYS D 140 16.28 -8.08 -1.67
N TRP D 141 15.82 -9.19 -2.24
CA TRP D 141 14.43 -9.38 -2.65
C TRP D 141 13.46 -9.47 -1.46
N LYS D 142 13.89 -10.00 -0.32
CA LYS D 142 13.15 -9.94 0.94
C LYS D 142 13.23 -8.54 1.58
N ASN D 143 14.40 -7.90 1.60
CA ASN D 143 14.63 -6.56 2.19
C ASN D 143 13.87 -5.43 1.50
N ASN D 144 13.49 -5.59 0.24
CA ASN D 144 12.55 -4.68 -0.41
C ASN D 144 11.14 -4.87 0.18
N GLY D 145 10.55 -6.05 0.04
CA GLY D 145 9.12 -6.25 0.29
C GLY D 145 8.68 -5.98 1.73
N VAL D 146 9.52 -6.34 2.70
CA VAL D 146 9.34 -5.95 4.09
C VAL D 146 9.35 -4.42 4.21
N THR D 147 10.34 -3.73 3.66
CA THR D 147 10.45 -2.26 3.75
C THR D 147 9.22 -1.60 3.17
N LYS D 148 8.78 -2.06 1.99
CA LYS D 148 7.57 -1.52 1.35
C LYS D 148 6.34 -1.72 2.22
N THR D 149 6.20 -2.91 2.82
CA THR D 149 4.99 -3.21 3.61
C THR D 149 4.93 -2.38 4.87
N TRP D 150 6.07 -2.20 5.55
CA TRP D 150 6.14 -1.28 6.67
C TRP D 150 5.82 0.15 6.27
N ASP D 151 6.21 0.61 5.09
CA ASP D 151 5.83 1.96 4.65
C ASP D 151 4.37 2.11 4.20
N ARG D 152 3.73 1.07 3.66
CA ARG D 152 2.28 1.12 3.44
C ARG D 152 1.55 1.30 4.76
N LEU D 153 1.80 0.43 5.72
CA LEU D 153 1.19 0.51 7.05
C LEU D 153 1.49 1.84 7.74
N MET D 154 2.75 2.27 7.85
CA MET D 154 3.09 3.54 8.50
C MET D 154 2.55 4.78 7.78
N LEU D 155 2.55 4.86 6.45
CA LEU D 155 2.22 6.10 5.74
C LEU D 155 0.73 6.34 5.51
N GLN D 156 -0.08 5.28 5.37
CA GLN D 156 -1.54 5.40 5.19
C GLN D 156 -2.34 4.91 6.40
N ASP D 157 -1.96 3.82 7.05
CA ASP D 157 -2.69 3.24 8.19
C ASP D 157 -2.18 3.72 9.54
N TYR D 158 -1.31 4.74 9.56
CA TYR D 158 -1.06 5.65 10.67
C TYR D 158 -0.59 5.01 12.00
N CYS D 159 -0.06 3.79 12.01
CA CYS D 159 0.61 3.21 13.17
C CYS D 159 2.14 3.29 13.02
N CYS D 160 2.90 2.88 14.03
CA CYS D 160 4.35 2.91 14.03
C CYS D 160 4.93 1.84 14.96
N GLY D 161 5.87 1.04 14.46
CA GLY D 161 6.45 -0.09 15.21
C GLY D 161 5.46 -1.24 15.45
N VAL D 162 5.89 -2.27 16.18
CA VAL D 162 5.05 -3.45 16.45
C VAL D 162 4.34 -3.31 17.80
N ASN D 163 5.08 -2.89 18.83
CA ASN D 163 4.50 -2.41 20.07
C ASN D 163 4.19 -0.92 19.95
N GLY D 164 5.06 -0.15 19.29
CA GLY D 164 4.94 1.31 19.21
C GLY D 164 6.22 2.01 18.80
N PRO D 165 6.21 3.35 18.70
CA PRO D 165 7.39 4.19 18.45
C PRO D 165 8.46 4.15 19.57
N SER D 166 8.28 3.29 20.55
CA SER D 166 9.28 2.78 21.48
C SER D 166 10.39 1.99 20.77
N ASP D 167 10.01 1.08 19.87
CA ASP D 167 10.82 -0.07 19.50
C ASP D 167 12.12 0.35 18.82
N TRP D 168 12.02 1.24 17.85
CA TRP D 168 13.13 1.92 17.17
C TRP D 168 14.10 2.66 18.09
N GLN D 169 13.74 2.88 19.35
CA GLN D 169 14.55 3.62 20.30
C GLN D 169 15.07 2.75 21.46
N LYS D 170 14.87 1.42 21.41
CA LYS D 170 15.36 0.46 22.41
C LYS D 170 16.16 -0.73 21.86
N TYR D 171 16.25 -0.89 20.54
CA TYR D 171 16.99 -1.98 19.89
C TYR D 171 17.89 -1.48 18.76
N THR D 172 18.95 -2.22 18.48
CA THR D 172 19.75 -2.09 17.24
C THR D 172 18.88 -2.40 16.01
N SER D 173 19.06 -1.70 14.88
CA SER D 173 18.36 -2.04 13.62
C SER D 173 19.09 -1.62 12.37
N ALA D 174 18.71 -2.21 11.24
CA ALA D 174 19.15 -1.81 9.92
C ALA D 174 18.99 -0.31 9.71
N PHE D 175 17.80 0.23 9.94
CA PHE D 175 17.60 1.68 9.87
C PHE D 175 18.61 2.48 10.72
N ARG D 176 18.86 2.01 11.95
CA ARG D 176 19.66 2.70 12.94
C ARG D 176 21.10 2.86 12.49
N THR D 177 21.67 1.83 11.89
CA THR D 177 23.07 1.90 11.43
C THR D 177 23.20 2.85 10.24
N GLU D 178 22.18 3.00 9.42
CA GLU D 178 22.16 3.97 8.31
C GLU D 178 21.90 5.42 8.79
N ASN D 179 21.05 5.62 9.81
CA ASN D 179 20.49 6.93 10.16
C ASN D 179 20.69 7.30 11.63
N ASN D 180 21.35 8.43 11.91
CA ASN D 180 21.64 8.86 13.27
C ASN D 180 20.42 9.49 13.98
N ASP D 181 20.18 9.14 15.24
CA ASP D 181 18.96 9.46 15.98
C ASP D 181 18.64 10.95 16.11
N ALA D 182 19.67 11.80 16.17
CA ALA D 182 19.52 13.23 16.36
C ALA D 182 18.64 13.90 15.29
N ASP D 183 18.62 13.32 14.07
CA ASP D 183 17.76 13.72 12.95
C ASP D 183 16.70 12.67 12.58
N TYR D 184 16.94 11.40 12.90
CA TYR D 184 16.10 10.26 12.58
C TYR D 184 15.87 9.38 13.82
N PRO D 185 15.19 9.87 14.87
CA PRO D 185 15.03 9.13 16.12
C PRO D 185 14.11 7.91 15.98
N TRP D 186 13.19 7.90 15.04
CA TRP D 186 12.53 6.71 14.51
C TRP D 186 12.11 6.99 13.05
N PRO D 187 11.45 6.11 12.29
CA PRO D 187 11.19 6.33 10.86
C PRO D 187 10.45 7.64 10.53
N ARG D 188 10.81 8.34 9.44
CA ARG D 188 10.12 9.60 9.08
C ARG D 188 8.68 9.36 8.70
N GLN D 189 8.41 8.18 8.16
CA GLN D 189 7.09 7.59 7.92
C GLN D 189 6.18 7.54 9.16
N CYS D 190 6.71 7.78 10.35
CA CYS D 190 5.93 7.83 11.58
C CYS D 190 5.55 9.24 12.05
N CYS D 191 6.07 10.34 11.50
CA CYS D 191 5.49 11.65 11.84
C CYS D 191 4.14 11.86 11.14
N VAL D 192 3.22 12.59 11.78
CA VAL D 192 2.02 13.06 11.08
C VAL D 192 2.40 14.23 10.19
N MET D 193 2.32 14.00 8.89
CA MET D 193 2.45 15.00 7.85
C MET D 193 1.10 15.65 7.57
N ASN D 194 1.09 16.94 7.24
CA ASN D 194 -0.09 17.59 6.67
C ASN D 194 -0.27 17.16 5.19
N LYS D 195 -1.26 17.68 4.48
CA LYS D 195 -1.55 17.27 3.08
C LYS D 195 -0.49 17.66 2.03
N LEU D 196 0.41 18.59 2.33
CA LEU D 196 1.65 18.78 1.57
C LEU D 196 2.66 17.61 1.72
N LYS D 197 2.33 16.59 2.52
CA LYS D 197 3.15 15.40 2.79
C LYS D 197 4.54 15.78 3.34
N GLU D 198 4.53 16.79 4.21
CA GLU D 198 5.61 17.27 5.04
C GLU D 198 5.05 17.62 6.45
N PRO D 199 5.88 17.75 7.50
CA PRO D 199 5.43 17.58 8.89
C PRO D 199 4.41 18.61 9.39
N LEU D 200 3.60 18.24 10.38
CA LEU D 200 2.89 19.25 11.20
C LEU D 200 3.92 20.20 11.83
N ASN D 201 4.85 19.66 12.60
CA ASN D 201 6.04 20.34 13.08
C ASN D 201 7.06 19.27 13.46
N LEU D 202 8.28 19.31 12.91
CA LEU D 202 9.18 18.16 13.04
C LEU D 202 9.80 18.05 14.43
N GLU D 203 10.14 19.16 15.05
CA GLU D 203 10.75 19.19 16.39
C GLU D 203 9.86 18.49 17.44
N ALA D 204 8.56 18.69 17.34
CA ALA D 204 7.55 18.01 18.13
C ALA D 204 7.40 16.51 17.81
N CYS D 205 7.61 16.08 16.56
CA CYS D 205 7.75 14.66 16.24
C CYS D 205 9.09 14.08 16.71
N LYS D 206 10.18 14.86 16.77
CA LYS D 206 11.47 14.40 17.33
C LYS D 206 11.34 14.14 18.84
N LEU D 207 10.66 15.03 19.56
CA LEU D 207 10.47 14.94 21.01
C LEU D 207 9.45 13.87 21.39
N GLY D 208 8.51 13.55 20.51
CA GLY D 208 7.39 12.69 20.79
C GLY D 208 6.23 13.39 21.50
N VAL D 209 5.95 14.65 21.17
CA VAL D 209 4.78 15.37 21.72
C VAL D 209 3.49 14.76 21.17
N PRO D 210 2.54 14.27 21.98
CA PRO D 210 1.59 13.23 21.53
C PRO D 210 0.60 13.71 20.48
N GLY D 211 0.37 12.93 19.42
CA GLY D 211 -0.43 13.36 18.25
C GLY D 211 0.30 14.18 17.17
N TYR D 212 1.59 14.52 17.32
CA TYR D 212 2.45 14.87 16.19
C TYR D 212 3.01 13.64 15.45
N TYR D 213 2.71 12.42 15.89
CA TYR D 213 3.27 11.21 15.34
C TYR D 213 2.30 10.05 15.45
N HIS D 214 2.45 9.08 14.57
CA HIS D 214 1.78 7.82 14.63
C HIS D 214 2.26 7.09 15.89
N ASN D 215 1.34 6.85 16.81
CA ASN D 215 1.62 6.68 18.23
C ASN D 215 0.96 5.42 18.80
N GLN D 216 0.95 4.35 18.02
CA GLN D 216 0.40 3.04 18.32
C GLN D 216 1.21 2.00 17.56
N GLY D 217 1.36 0.79 18.08
CA GLY D 217 1.95 -0.31 17.31
C GLY D 217 1.03 -0.80 16.19
N CYS D 218 1.54 -1.66 15.34
CA CYS D 218 0.81 -2.16 14.18
C CYS D 218 0.45 -3.64 14.30
N TYR D 219 0.77 -4.29 15.43
CA TYR D 219 0.66 -5.74 15.56
C TYR D 219 -0.74 -6.26 15.23
N GLU D 220 -1.76 -5.48 15.54
CA GLU D 220 -3.17 -5.76 15.35
C GLU D 220 -3.51 -5.83 13.87
N LEU D 221 -2.96 -4.88 13.10
CA LEU D 221 -3.12 -4.82 11.66
C LEU D 221 -2.50 -6.05 11.00
N ILE D 222 -1.34 -6.47 11.50
CA ILE D 222 -0.58 -7.57 10.92
C ILE D 222 -1.18 -8.91 11.33
N SER D 223 -1.54 -9.05 12.60
CA SER D 223 -2.08 -10.28 13.17
C SER D 223 -3.52 -10.51 12.76
N GLY D 224 -4.35 -9.47 12.73
CA GLY D 224 -5.79 -9.61 12.52
C GLY D 224 -6.18 -10.44 11.30
N PRO D 225 -5.63 -10.16 10.11
CA PRO D 225 -5.92 -10.96 8.92
C PRO D 225 -5.38 -12.38 9.06
N MET D 226 -4.12 -12.51 9.47
CA MET D 226 -3.44 -13.81 9.62
C MET D 226 -4.20 -14.75 10.58
N ASN D 227 -4.60 -14.21 11.73
CA ASN D 227 -5.44 -14.85 12.71
C ASN D 227 -6.76 -15.31 12.09
N ARG D 228 -7.42 -14.54 11.21
CA ARG D 228 -8.65 -15.03 10.58
C ARG D 228 -8.37 -16.16 9.61
N HIS D 229 -7.34 -16.02 8.79
CA HIS D 229 -6.96 -17.04 7.80
C HIS D 229 -6.73 -18.40 8.47
N ALA D 230 -6.03 -18.34 9.61
CA ALA D 230 -5.72 -19.46 10.48
C ALA D 230 -6.95 -20.24 10.94
N TRP D 231 -7.80 -19.64 11.79
CA TRP D 231 -9.01 -20.34 12.26
C TRP D 231 -9.94 -20.69 11.11
N GLY D 232 -9.90 -19.92 10.01
CA GLY D 232 -10.76 -20.06 8.85
C GLY D 232 -10.59 -21.40 8.13
N VAL D 233 -9.46 -21.64 7.47
CA VAL D 233 -9.35 -22.89 6.69
C VAL D 233 -9.43 -24.11 7.61
N ALA D 234 -8.69 -24.09 8.73
CA ALA D 234 -8.46 -25.27 9.54
C ALA D 234 -9.75 -25.85 10.12
N TRP D 235 -10.59 -25.02 10.76
CA TRP D 235 -11.80 -25.51 11.38
C TRP D 235 -12.87 -25.92 10.40
N PHE D 236 -12.93 -25.23 9.26
CA PHE D 236 -13.82 -25.56 8.17
C PHE D 236 -13.42 -26.91 7.53
N GLY D 237 -12.13 -27.15 7.31
CA GLY D 237 -11.66 -28.48 6.91
C GLY D 237 -11.99 -29.56 7.94
N PHE D 238 -11.74 -29.32 9.24
CA PHE D 238 -12.12 -30.27 10.28
C PHE D 238 -13.60 -30.65 10.27
N ALA D 239 -14.50 -29.67 10.14
CA ALA D 239 -15.93 -29.94 10.07
C ALA D 239 -16.29 -30.83 8.89
N ILE D 240 -15.68 -30.57 7.73
CA ILE D 240 -15.86 -31.39 6.52
C ILE D 240 -15.33 -32.80 6.73
N LEU D 241 -14.17 -32.94 7.36
CA LEU D 241 -13.54 -34.20 7.72
C LEU D 241 -14.34 -34.99 8.76
N CYS D 242 -15.23 -34.36 9.53
CA CYS D 242 -16.20 -35.06 10.35
C CYS D 242 -17.44 -35.47 9.55
N TRP D 243 -17.99 -34.54 8.76
CA TRP D 243 -19.16 -34.82 7.92
C TRP D 243 -18.92 -36.01 7.00
N THR D 244 -17.77 -35.96 6.32
CA THR D 244 -17.27 -37.06 5.52
C THR D 244 -17.05 -38.32 6.34
N PHE D 245 -16.49 -38.26 7.54
CA PHE D 245 -16.23 -39.46 8.34
C PHE D 245 -17.51 -40.24 8.63
N TRP D 246 -18.57 -39.61 9.11
CA TRP D 246 -19.79 -40.37 9.39
C TRP D 246 -20.53 -40.83 8.13
N VAL D 247 -20.54 -40.09 7.02
CA VAL D 247 -21.08 -40.67 5.78
C VAL D 247 -20.17 -41.75 5.22
N LEU D 248 -18.85 -41.66 5.36
CA LEU D 248 -17.94 -42.74 5.00
C LEU D 248 -18.35 -44.00 5.76
N LEU D 249 -18.50 -43.95 7.07
CA LEU D 249 -18.96 -45.12 7.82
C LEU D 249 -20.32 -45.66 7.35
N GLY D 250 -21.32 -44.81 7.08
CA GLY D 250 -22.54 -45.22 6.59
C GLY D 250 -22.55 -45.82 5.24
N THR D 251 -21.90 -45.20 4.31
CA THR D 251 -21.70 -45.64 2.99
C THR D 251 -21.01 -46.98 2.92
N MET D 252 -19.97 -47.16 3.67
CA MET D 252 -19.26 -48.37 3.85
C MET D 252 -20.15 -49.48 4.30
N PHE D 253 -20.96 -49.23 5.28
CA PHE D 253 -21.93 -50.11 5.82
C PHE D 253 -22.86 -50.63 4.76
N TYR D 254 -23.49 -49.76 4.03
CA TYR D 254 -24.36 -50.05 2.96
C TYR D 254 -23.67 -50.88 1.91
N TRP D 255 -22.52 -50.49 1.48
CA TRP D 255 -21.69 -51.15 0.56
C TRP D 255 -21.50 -52.59 0.94
N SER D 256 -21.10 -52.85 2.13
CA SER D 256 -20.97 -54.11 2.75
C SER D 256 -22.24 -54.92 2.71
N ARG D 257 -23.38 -54.23 2.75
CA ARG D 257 -24.68 -54.92 2.68
C ARG D 257 -25.23 -55.04 1.28
N ILE D 258 -24.45 -55.14 0.25
CA ILE D 258 -24.77 -55.32 -1.12
C ILE D 258 -24.79 -56.78 -1.48
N GLU D 259 -25.91 -57.30 -1.97
CA GLU D 259 -25.96 -58.69 -2.41
C GLU D 259 -25.32 -58.84 -3.78
N TYR D 260 -24.76 -60.03 -4.03
CA TYR D 260 -23.92 -60.35 -5.21
C TYR D 260 -24.69 -61.33 -6.11
C1 NAG E . -2.30 18.89 -21.95
C2 NAG E . -2.60 20.12 -22.85
C3 NAG E . -1.54 20.33 -23.93
C4 NAG E . -0.11 20.21 -23.41
C5 NAG E . 0.05 18.86 -22.72
C6 NAG E . 1.46 18.59 -22.18
C7 NAG E . -5.05 20.44 -23.02
C8 NAG E . -6.31 20.14 -23.82
N2 NAG E . -3.91 19.95 -23.49
O3 NAG E . -1.72 21.64 -24.51
O4 NAG E . 0.86 20.20 -24.52
O5 NAG E . -0.90 18.79 -21.60
O6 NAG E . 1.40 17.44 -21.33
O7 NAG E . -5.08 21.11 -21.99
H1 NAG E . -2.59 17.97 -22.49
H2 NAG E . -2.63 21.02 -22.24
H3 NAG E . -1.68 19.59 -24.71
H4 NAG E . 0.12 21.02 -22.71
H5 NAG E . -0.20 18.06 -23.43
H61 NAG E . 2.16 18.41 -23.00
H62 NAG E . 1.80 19.45 -21.61
H81 NAG E . -6.08 19.58 -24.72
H82 NAG E . -7.00 19.56 -23.21
H83 NAG E . -6.79 21.08 -24.10
HN2 NAG E . -3.96 19.36 -24.30
HO3 NAG E . -2.59 21.70 -24.93
HO6 NAG E . 0.57 17.50 -20.84
C1 NAG E . 1.24 21.43 -25.22
C2 NAG E . 2.46 22.11 -24.57
C3 NAG E . 2.89 23.32 -25.42
C4 NAG E . 3.15 22.92 -26.87
C5 NAG E . 1.98 22.14 -27.47
C6 NAG E . 2.28 21.55 -28.84
C7 NAG E . 3.16 22.57 -22.27
C8 NAG E . 2.73 22.75 -20.82
N2 NAG E . 2.20 22.53 -23.19
O3 NAG E . 4.11 23.91 -24.93
O4 NAG E . 3.35 24.14 -27.58
O5 NAG E . 1.62 21.04 -26.57
O6 NAG E . 3.14 20.42 -28.70
O7 NAG E . 4.34 22.46 -22.58
H1 NAG E . 0.41 22.14 -25.31
H2 NAG E . 3.27 21.39 -24.55
H3 NAG E . 2.10 24.07 -25.39
H4 NAG E . 4.06 22.31 -26.91
H5 NAG E . 1.13 22.82 -27.56
H61 NAG E . 1.36 21.22 -29.32
H62 NAG E . 2.76 22.28 -29.50
H81 NAG E . 3.48 22.31 -20.15
H82 NAG E . 2.64 23.81 -20.59
H83 NAG E . 1.78 22.25 -20.64
HN2 NAG E . 1.26 22.81 -22.94
HO3 NAG E . 4.32 23.54 -24.07
HO4 NAG E . 3.97 24.66 -27.07
HO6 NAG E . 2.71 19.83 -28.07
C1 NAG F . 19.92 48.94 -8.67
C2 NAG F . 18.88 48.55 -7.63
C3 NAG F . 17.68 49.45 -7.83
C4 NAG F . 18.06 50.94 -7.80
C5 NAG F . 19.31 51.25 -8.64
C6 NAG F . 19.87 52.66 -8.42
C7 NAG F . 18.89 46.20 -7.02
C8 NAG F . 18.68 44.80 -7.54
N2 NAG F . 18.47 47.16 -7.81
O3 NAG F . 16.69 49.16 -6.80
O4 NAG F . 16.95 51.64 -8.45
O5 NAG F . 20.38 50.28 -8.34
O6 NAG F . 20.08 52.91 -7.02
O7 NAG F . 19.41 46.42 -5.94
H1 NAG F . 19.48 48.95 -9.65
H2 NAG F . 19.29 48.69 -6.62
H3 NAG F . 17.23 49.23 -8.80
H4 NAG F . 18.19 51.26 -6.77
H5 NAG F . 19.06 51.16 -9.69
H61 NAG F . 20.81 52.77 -8.95
H62 NAG F . 19.17 53.40 -8.82
H81 NAG F . 19.47 44.15 -7.18
H82 NAG F . 17.73 44.40 -7.18
H83 NAG F . 18.68 44.77 -8.63
HN2 NAG F . 18.07 46.91 -8.70
HO3 NAG F . 16.56 48.22 -6.76
HO6 NAG F . 20.85 52.41 -6.73
C1 NAG F . 16.30 52.72 -7.74
C2 NAG F . 15.59 52.26 -6.45
C3 NAG F . 14.89 53.43 -5.75
C4 NAG F . 15.69 54.75 -5.71
C5 NAG F . 16.52 54.98 -6.99
C6 NAG F . 17.60 56.04 -6.78
C7 NAG F . 13.72 51.22 -7.65
C8 NAG F . 12.99 49.91 -7.94
N2 NAG F . 14.68 51.16 -6.73
O3 NAG F . 14.62 53.03 -4.38
O4 NAG F . 14.74 55.88 -5.79
O5 NAG F . 17.25 53.75 -7.37
O6 NAG F . 18.69 55.46 -6.04
O7 NAG F . 13.43 52.27 -8.22
H1 NAG F . 15.58 53.18 -8.42
H2 NAG F . 16.35 51.88 -5.77
H3 NAG F . 13.94 53.62 -6.25
H4 NAG F . 16.31 54.81 -4.82
H5 NAG F . 15.87 55.27 -7.81
H61 NAG F . 17.96 56.38 -7.75
H62 NAG F . 17.20 56.90 -6.24
H81 NAG F . 12.75 49.41 -7.08
H82 NAG F . 12.11 50.08 -8.43
H83 NAG F . 13.56 49.30 -8.51
HN2 NAG F . 14.97 50.27 -6.40
HO3 NAG F . 13.71 53.26 -4.16
HO6 NAG F . 18.93 54.63 -6.47
C1 BMA F . 13.75 56.14 -4.74
C2 BMA F . 12.99 57.42 -5.14
C3 BMA F . 11.68 57.62 -4.35
C4 BMA F . 10.82 56.35 -4.34
C5 BMA F . 11.65 55.20 -3.79
C6 BMA F . 10.95 53.86 -3.72
O2 BMA F . 12.65 57.34 -6.55
O3 BMA F . 10.94 58.69 -4.98
O4 BMA F . 9.67 56.57 -3.49
O5 BMA F . 12.80 55.04 -4.69
O6 BMA F . 11.92 52.85 -3.39
H1 BMA F . 14.24 56.27 -3.78
H2 BMA F . 13.63 58.29 -4.99
H3 BMA F . 11.92 57.90 -3.34
H4 BMA F . 10.48 56.10 -5.35
H5 BMA F . 12.03 55.45 -2.80
H61 BMA F . 10.51 53.61 -4.69
H62 BMA F . 10.17 53.87 -2.97
HO2 BMA F . 13.41 56.94 -6.99
HO3 BMA F . 11.13 58.64 -5.92
HO4 BMA F . 9.27 57.39 -3.78
HO6 BMA F . 11.46 52.02 -3.25
C1 NAG G . 24.12 22.91 13.19
C2 NAG G . 23.70 24.36 13.52
C3 NAG G . 23.81 25.24 12.27
C4 NAG G . 25.11 25.06 11.47
C5 NAG G . 25.47 23.59 11.27
C6 NAG G . 26.85 23.38 10.60
C7 NAG G . 22.02 24.20 15.28
C8 NAG G . 20.56 24.45 15.67
N2 NAG G . 22.32 24.41 14.01
O3 NAG G . 23.71 26.64 12.65
O4 NAG G . 24.85 25.67 10.16
O5 NAG G . 25.45 22.94 12.60
O6 NAG G . 27.90 23.19 11.58
O7 NAG G . 22.86 23.83 16.08
H1 NAG G . 23.42 22.44 12.50
H2 NAG G . 24.37 24.74 14.28
H3 NAG G . 22.97 25.01 11.61
H4 NAG G . 25.93 25.57 11.97
H5 NAG G . 24.72 23.13 10.64
H61 NAG G . 26.81 22.49 9.98
H62 NAG G . 27.09 24.22 9.97
H81 NAG G . 19.93 23.73 15.18
H82 NAG G . 20.43 24.35 16.75
H83 NAG G . 20.26 25.45 15.38
HN2 NAG G . 21.59 24.66 13.36
HO3 NAG G . 23.89 27.19 11.89
HO6 NAG G . 27.80 23.82 12.29
C1 NAG G . 25.68 26.80 9.77
C2 NAG G . 25.45 27.14 8.28
C3 NAG G . 26.22 28.40 7.88
C4 NAG G . 25.81 29.56 8.81
C5 NAG G . 26.13 29.16 10.25
C6 NAG G . 25.85 30.25 11.28
C7 NAG G . 24.99 25.00 7.22
C8 NAG G . 25.58 23.76 6.56
N2 NAG G . 25.84 26.00 7.45
O3 NAG G . 25.91 28.75 6.51
O4 NAG G . 26.55 30.82 8.54
O5 NAG G . 25.35 27.97 10.59
O6 NAG G . 26.97 31.15 11.34
O7 NAG G . 23.81 25.05 7.54
H1 NAG G . 26.72 26.54 9.92
H2 NAG G . 24.38 27.34 8.14
H3 NAG G . 27.30 28.23 7.96
H4 NAG G . 24.75 29.73 8.72
H5 NAG G . 27.20 28.90 10.32
H61 NAG G . 24.95 30.81 11.04
H62 NAG G . 25.71 29.81 12.26
H81 NAG G . 26.37 23.36 7.17
H82 NAG G . 24.82 23.00 6.45
H83 NAG G . 25.97 24.01 5.58
HN2 NAG G . 26.80 25.88 7.19
HO3 NAG G . 26.27 28.10 5.92
HO6 NAG G . 27.16 31.47 10.47
C1 BMA G . 26.34 31.64 7.34
C2 BMA G . 24.86 31.73 6.93
C3 BMA G . 24.74 32.69 5.75
C4 BMA G . 25.24 34.10 6.09
C5 BMA G . 26.70 33.98 6.54
C6 BMA G . 27.32 35.29 7.04
O2 BMA G . 24.10 32.23 8.05
O3 BMA G . 23.34 32.72 5.29
O4 BMA G . 25.15 34.90 4.91
O5 BMA G . 26.77 33.01 7.65
O6 BMA G . 27.73 36.05 5.86
H1 BMA G . 26.94 31.24 6.53
H2 BMA G . 24.47 30.76 6.65
H3 BMA G . 25.37 32.31 4.94
H4 BMA G . 24.63 34.54 6.87
H5 BMA G . 27.30 33.61 5.73
H61 BMA G . 28.20 35.08 7.63
H62 BMA G . 26.61 35.84 7.65
HO2 BMA G . 24.65 32.62 8.70
HO4 BMA G . 24.57 35.64 5.07
C1 MAN G . 23.14 31.94 4.07
C2 MAN G . 21.75 32.24 3.49
C3 MAN G . 20.66 31.60 4.36
C4 MAN G . 20.87 30.10 4.53
C5 MAN G . 22.26 29.81 5.11
C6 MAN G . 22.57 28.30 5.12
O2 MAN G . 21.62 31.70 2.14
O3 MAN G . 19.38 31.84 3.73
O4 MAN G . 19.86 29.60 5.43
O5 MAN G . 23.32 30.50 4.34
O6 MAN G . 22.52 27.77 3.78
H1 MAN G . 23.89 32.25 3.34
H2 MAN G . 21.61 33.32 3.45
H3 MAN G . 20.66 32.09 5.34
H4 MAN G . 20.75 29.61 3.56
H5 MAN G . 22.30 30.17 6.13
H61 MAN G . 21.87 27.77 5.75
H62 MAN G . 23.57 28.14 5.52
HO2 MAN G . 22.23 32.16 1.56
HO3 MAN G . 19.52 31.75 2.78
HO4 MAN G . 19.02 29.93 5.12
HO6 MAN G . 22.73 26.85 3.80
C1 MAN G . 27.50 37.48 5.70
C2 MAN G . 28.10 38.38 6.82
C3 MAN G . 27.11 38.69 7.94
C4 MAN G . 25.72 39.12 7.42
C5 MAN G . 25.17 37.98 6.55
C6 MAN G . 23.76 38.20 6.01
O2 MAN G . 28.52 39.64 6.25
O3 MAN G . 27.65 39.77 8.74
O4 MAN G . 24.86 39.35 8.55
O5 MAN G . 26.09 37.81 5.42
O6 MAN G . 23.30 36.96 5.43
H1 MAN G . 28.05 37.75 4.80
H2 MAN G . 28.98 37.88 7.24
H3 MAN G . 26.99 37.82 8.59
H4 MAN G . 25.80 40.03 6.83
H5 MAN G . 25.14 37.06 7.15
H61 MAN G . 23.76 38.99 5.25
H62 MAN G . 23.07 38.49 6.80
HO2 MAN G . 29.24 39.51 5.64
HO3 MAN G . 28.15 40.31 8.13
HO4 MAN G . 25.35 39.90 9.17
HO6 MAN G . 22.43 37.10 5.09
C1 NAG H . 25.77 43.22 36.65
C2 NAG H . 24.45 43.99 36.76
C3 NAG H . 24.81 45.48 36.82
C4 NAG H . 25.87 45.84 37.86
C5 NAG H . 27.04 44.84 37.87
C6 NAG H . 27.95 44.99 39.09
C7 NAG H . 22.72 42.80 35.53
C8 NAG H . 22.08 42.56 34.17
N2 NAG H . 23.63 43.76 35.58
O3 NAG H . 23.63 46.28 37.10
O4 NAG H . 26.37 47.14 37.37
O5 NAG H . 26.55 43.46 37.86
O6 NAG H . 27.16 45.01 40.29
O7 NAG H . 22.44 42.14 36.53
H1 NAG H . 26.33 43.61 35.79
H2 NAG H . 23.93 43.70 37.67
H3 NAG H . 25.19 45.77 35.84
H4 NAG H . 25.40 45.94 38.85
H5 NAG H . 27.64 45.00 36.98
H61 NAG H . 28.65 44.16 39.14
H62 NAG H . 28.53 45.92 39.03
H81 NAG H . 22.49 41.66 33.73
H82 NAG H . 21.00 42.45 34.29
H83 NAG H . 22.26 43.39 33.50
HN2 NAG H . 23.86 44.26 34.74
HO3 NAG H . 23.87 47.20 37.11
HO6 NAG H . 27.73 44.99 41.04
C1 NAG H . 26.87 48.15 38.31
C2 NAG H . 27.34 49.37 37.51
C3 NAG H . 27.82 50.49 38.46
C4 NAG H . 26.74 50.84 39.48
C5 NAG H . 26.26 49.58 40.24
C6 NAG H . 25.11 49.84 41.21
C7 NAG H . 28.42 49.43 35.31
C8 NAG H . 29.62 48.97 34.47
N2 NAG H . 28.39 49.00 36.57
O3 NAG H . 28.16 51.69 37.73
O4 NAG H . 27.32 51.78 40.40
O5 NAG H . 25.82 48.58 39.24
O6 NAG H . 23.96 50.27 40.46
O7 NAG H . 27.54 50.16 34.85
H1 NAG H . 27.70 47.74 38.88
H2 NAG H . 26.47 49.75 36.96
H3 NAG H . 28.71 50.14 38.98
H4 NAG H . 25.90 51.31 38.97
H5 NAG H . 27.10 49.16 40.79
H61 NAG H . 24.87 48.92 41.74
H62 NAG H . 25.38 50.60 41.93
H81 NAG H . 30.52 48.94 35.08
H82 NAG H . 29.41 47.98 34.07
H83 NAG H . 29.78 49.65 33.65
HN2 NAG H . 29.16 48.43 36.91
HO3 NAG H . 28.35 52.38 38.37
HO4 NAG H . 26.63 52.21 40.91
HO6 NAG H . 23.73 49.57 39.85
C1 NAG I . 22.13 37.54 -30.86
C2 NAG I . 23.60 37.92 -31.17
C3 NAG I . 23.87 38.04 -32.67
C4 NAG I . 23.39 36.81 -33.44
C5 NAG I . 21.90 36.55 -33.13
C6 NAG I . 21.32 35.32 -33.85
C7 NAG I . 23.46 40.32 -30.58
C8 NAG I . 24.13 41.46 -29.82
N2 NAG I . 24.04 39.12 -30.46
O3 NAG I . 25.30 38.24 -32.93
O4 NAG I . 23.54 37.07 -34.85
O5 NAG I . 21.75 36.37 -31.67
O6 NAG I . 22.00 34.10 -33.46
O7 NAG I . 22.48 40.51 -31.30
H1 NAG I . 21.45 38.36 -31.08
H2 NAG I . 24.21 37.09 -30.79
H3 NAG I . 23.35 38.92 -33.06
H4 NAG I . 23.97 35.94 -33.15
H5 NAG I . 21.31 37.42 -33.43
H61 NAG I . 20.26 35.23 -33.64
H62 NAG I . 21.40 35.45 -34.94
H81 NAG I . 24.91 41.90 -30.45
H82 NAG I . 23.39 42.23 -29.59
H83 NAG I . 24.57 41.09 -28.90
HN2 NAG I . 24.79 39.02 -29.81
HO3 NAG I . 25.61 38.99 -32.40
HO4 NAG I . 24.47 37.31 -35.00
HO6 NAG I . 21.57 33.37 -33.90
C1 NAG J . 20.66 -6.31 6.12
C2 NAG J . 21.62 -6.02 7.28
C3 NAG J . 22.58 -7.21 7.40
C4 NAG J . 21.79 -8.51 7.62
C5 NAG J . 20.76 -8.74 6.50
C6 NAG J . 19.88 -9.95 6.78
C7 NAG J . 22.92 -4.02 7.91
C8 NAG J . 23.39 -2.69 7.47
N2 NAG J . 22.34 -4.78 7.00
O3 NAG J . 23.50 -7.05 8.51
O4 NAG J . 22.71 -9.60 7.60
O5 NAG J . 19.91 -7.53 6.39
O6 NAG J . 18.73 -9.92 5.92
O7 NAG J . 23.07 -4.42 9.04
H1 NAG J . 21.21 -6.44 5.20
H2 NAG J . 21.06 -5.89 8.21
H3 NAG J . 23.16 -7.29 6.49
H4 NAG J . 21.28 -8.48 8.58
H5 NAG J . 21.27 -8.88 5.55
H61 NAG J . 20.43 -10.87 6.60
H62 NAG J . 19.54 -9.95 7.81
H81 NAG J . 23.61 -2.63 6.40
H82 NAG J . 22.65 -1.90 7.66
H83 NAG J . 24.30 -2.37 7.97
HN2 NAG J . 22.22 -4.41 6.06
HO3 NAG J . 23.54 -6.12 8.76
HO4 NAG J . 23.45 -9.35 8.16
HO6 NAG J . 19.03 -10.00 5.01
#